data_8JIO
#
_entry.id   8JIO
#
_cell.length_a   1.00
_cell.length_b   1.00
_cell.length_c   1.00
_cell.angle_alpha   90.00
_cell.angle_beta   90.00
_cell.angle_gamma   90.00
#
_symmetry.space_group_name_H-M   'P 1'
#
loop_
_entity.id
_entity.type
_entity.pdbx_description
1 polymer 'Spike glycoprotein'
2 polymer '6I18 light chain'
3 polymer '6I18 heavy chain'
#
loop_
_entity_poly.entity_id
_entity_poly.type
_entity_poly.pdbx_seq_one_letter_code
_entity_poly.pdbx_strand_id
1 'polypeptide(L)'
;MPMGSLQPLATLYLLGMLVASVLAQCVNLITRTQSYTNSFTRGVYYPDKVFRSSVLHSTQDLFLPFFSNVTWFHAIHVSG
TNGTKRFDNPVLPFNDGVYFASTEKSNIIRGWIFGTTLDSKTQSLLIVNNATNVVIKVCEFQFCNDPFLDVYQKNNKSWM
ESEFRVYSSANNCTFEYVSQPFLMDLEGKEGNFKNLREFVFKNIDGYFKIYSKHTPINLERDLPQGFSALEPLVDLPIGI
NITRFQTLLALHRSYLTPGDSSSGWTAGAAAYYVGYLQPRTFLLKYNENGTITDAVDCALDPLSETKCTLKSFTVEKGIY
QTSNFRVQPTESIVRFPNITNLCPFHEVFNATTFASVYAWNRKRISNCVADYSVIYNFAPFFAFKCYGVSPTKLNDLCFT
NVYADSFVIRGNEVSQIAPGQTGNIADYNYKLPDDFTGCVIAWNSNKLDSKPSGNYNYLYRLFRKSKLKPFERDISTEIY
QAGNKPCNGVAGSNCYSPLQSYGFRPTYGVGHQPYRVVVLSFELLHAPATVCGPKKSTNLVKNKCVNFNFNGLTGTGVLT
ESNKKFLPFQQFGRDIADTTDAVRDPQTLEILDITPCSFGGVSVITPGTNTSNQVAVLYQGVNCTEVPVAIHADQLTPTW
RVYSTGSNVFQTRAGCLIGAEYVNNSYECDIPIGAGICASYQTQTKSHRRARSVASQSIIAYTMSLGAENSVAYSNNSIA
IPTNFTISVTTEILPVSMTKTSVDCTMYICGDSTECSNLLLQYGSFCTQLKRALTGIAVEQDKNTQEVFAQVKQIYKTPP
IKYFGGFNFSQILPDPSKPSKRSFIEDLLFNKVTLADAGFIKQYGDCLGDIAARDLICAQKFNGLTVLPPLLTDEMIAQY
TSALLAGTITSGWTFGAGAALQIPFAMQMAYRFNGIGVTQNVLYENQKLIANQFNSAIGKIQDSLSSTASALGKLQDVVN
HNAQALNTLVKQLSSKFGAISSVLNDILSRLDKVEAEVQIDRLITGRLQSLQTYVTQQLIRAAEIRASANLAATKMSECV
LGQSKRVDFCGKGYHLMSFPQSAPHGVVFLHVTYVPAQEKNFTTAPAICHDGKAHFPREGVFVSNGTHWFVTQRNFYEPQ
IITTDNTFVSGNCDVVIGIVNNTVYDPLQPELDSFKEELDKYFKNHTSPDVDLGDISGINASVVNIQKEIDRLNEVAKNL
NESLIDLQELGKYEQGSGYIPEAPRDGQAYVRKDGEWVFLSTFLSGLEVLFQGPGGWSHPQFEKGGGSGGGSGGSAWSHP
QFEKGGSHHHHHHHH
;
A
2 'polypeptide(L)'
;DIQMTQSPSSVSASVGDRVTITCRASQGISGWLAWYQQKPGKAPKLLIYAASTLQSGVPSRFSGSGSGTDFTLTISSLQP
EDFATYYCQQANNFPRTFGQGTKVEIKRTVAAPSVFIFPPSDEQLKSGTASVVCLLNNFYPREAKVQWKVDNALQSGNSQ
ESVTEQDSKDSTYSLSSTLTLSKADYEKHKVYACEVTHQGLSSPVTKSFNRGEC
;
B
3 'polypeptide(L)'
;QVQLQESGPGLVKPSETLSLTCTVSGGSISSYYWTWIRQPPGKGLEWIGYIYYTGSTNYNPSLKSRVTISVDTSKSQFSL
KLSSVTAADTAVYYCATDYYDSSGYSYGMDVWGHGTTVTVSSASTKGPSVFPLAPSSKSTSGGTAALGCLVKDYFPEPVT
VSWNSGALTSGVHTFPAVLQSSGLYSLSSVVTVPSSSLGTQTYICNVNHKPSNTKVDKKVEPKSCDKTHTCPPCPAPELL
GGPSVFLFPPKPKDTLMISRTPEVTCVVVDVSHEDPEVKFNWYVDGVEVHNAKTKPREEQYNSTYRVVSVLTVLHQDWLN
GKEYKCKVSNKALPAPIEKTISKAKGQPREPQVYTLPPSRDELTKNQVSLTCLVKGFYPSDIAVEWESNGQPENNYKTTP
PVLDSDGSFFLYSKLTVDKSRWQQGNVFSCSVMHEALHNHYTQKSLSLSPGK
;
C
#
# COMPACT_ATOMS: atom_id res chain seq x y z
N THR A 31 -20.94 31.57 40.94
CA THR A 31 -21.35 31.98 39.60
C THR A 31 -22.30 30.96 38.98
N ARG A 32 -23.57 31.35 38.86
CA ARG A 32 -24.60 30.49 38.30
C ARG A 32 -24.88 30.91 36.86
N THR A 33 -24.93 29.92 35.97
CA THR A 33 -25.18 30.15 34.55
C THR A 33 -26.47 29.45 34.13
N GLN A 34 -27.21 30.10 33.23
CA GLN A 34 -28.46 29.57 32.71
C GLN A 34 -28.24 29.01 31.31
N SER A 35 -29.33 28.60 30.67
CA SER A 35 -29.28 28.01 29.34
C SER A 35 -30.41 28.58 28.49
N TYR A 36 -30.05 29.08 27.31
CA TYR A 36 -30.99 29.61 26.35
C TYR A 36 -30.95 28.77 25.08
N THR A 37 -32.08 28.72 24.38
CA THR A 37 -32.21 27.91 23.18
C THR A 37 -32.10 28.76 21.92
N ASN A 38 -31.84 28.09 20.80
CA ASN A 38 -31.72 28.72 19.50
C ASN A 38 -32.82 28.19 18.59
N SER A 39 -33.47 29.09 17.86
CA SER A 39 -34.59 28.69 17.01
C SER A 39 -34.11 28.17 15.66
N PHE A 40 -33.57 29.05 14.82
CA PHE A 40 -33.10 28.66 13.50
C PHE A 40 -31.77 29.32 13.12
N THR A 41 -31.06 29.92 14.07
CA THR A 41 -29.86 30.68 13.76
C THR A 41 -28.67 29.73 13.58
N ARG A 42 -27.47 30.30 13.53
CA ARG A 42 -26.22 29.54 13.44
C ARG A 42 -26.17 28.69 12.16
N GLY A 43 -26.24 29.38 11.03
CA GLY A 43 -26.10 28.76 9.71
C GLY A 43 -24.83 29.27 9.04
N VAL A 44 -24.18 28.38 8.29
CA VAL A 44 -22.89 28.68 7.69
C VAL A 44 -22.79 27.99 6.34
N TYR A 45 -22.30 28.72 5.33
CA TYR A 45 -22.02 28.14 4.03
C TYR A 45 -20.90 27.12 4.14
N TYR A 46 -21.15 25.89 3.68
CA TYR A 46 -20.12 24.86 3.72
C TYR A 46 -19.08 25.07 2.62
N PRO A 47 -19.47 25.18 1.32
CA PRO A 47 -18.44 25.34 0.29
C PRO A 47 -18.01 26.79 0.12
N ASP A 48 -17.09 27.03 -0.82
CA ASP A 48 -16.62 28.37 -1.14
C ASP A 48 -16.99 28.77 -2.56
N LYS A 49 -18.07 28.20 -3.08
CA LYS A 49 -18.54 28.48 -4.43
C LYS A 49 -19.98 28.98 -4.39
N VAL A 50 -20.46 29.43 -5.55
CA VAL A 50 -21.83 29.92 -5.69
C VAL A 50 -22.67 28.85 -6.38
N PHE A 51 -23.94 28.82 -6.05
CA PHE A 51 -24.87 27.86 -6.63
C PHE A 51 -26.22 28.55 -6.86
N ARG A 52 -26.97 28.03 -7.84
CA ARG A 52 -28.27 28.58 -8.20
C ARG A 52 -29.26 27.44 -8.32
N SER A 53 -30.32 27.49 -7.52
CA SER A 53 -31.37 26.47 -7.50
C SER A 53 -30.79 25.07 -7.32
N SER A 54 -29.94 24.93 -6.31
CA SER A 54 -29.28 23.66 -6.01
C SER A 54 -29.29 23.44 -4.50
N VAL A 55 -29.90 22.35 -4.06
CA VAL A 55 -29.95 21.98 -2.65
C VAL A 55 -28.88 20.92 -2.42
N LEU A 56 -27.81 21.30 -1.74
CA LEU A 56 -26.68 20.40 -1.49
C LEU A 56 -26.77 19.82 -0.10
N HIS A 57 -26.39 18.55 0.02
CA HIS A 57 -26.37 17.83 1.30
C HIS A 57 -24.93 17.50 1.65
N SER A 58 -24.49 17.93 2.83
CA SER A 58 -23.14 17.70 3.29
C SER A 58 -23.15 17.23 4.74
N THR A 59 -22.07 16.55 5.13
CA THR A 59 -21.92 16.00 6.47
C THR A 59 -20.65 16.63 7.07
N GLN A 60 -20.82 17.81 7.68
CA GLN A 60 -19.71 18.51 8.32
C GLN A 60 -20.18 19.05 9.67
N ASP A 61 -19.36 19.90 10.26
CA ASP A 61 -19.61 20.40 11.62
C ASP A 61 -20.37 21.71 11.56
N LEU A 62 -21.52 21.76 12.22
CA LEU A 62 -22.29 22.98 12.36
C LEU A 62 -23.13 22.90 13.63
N PHE A 63 -23.50 24.07 14.15
CA PHE A 63 -24.19 24.16 15.42
C PHE A 63 -25.64 23.67 15.29
N LEU A 64 -26.20 23.27 16.43
CA LEU A 64 -27.54 22.72 16.48
C LEU A 64 -28.46 23.65 17.24
N PRO A 65 -29.62 24.01 16.68
CA PRO A 65 -30.57 24.86 17.40
C PRO A 65 -31.21 24.11 18.56
N PHE A 66 -31.92 24.87 19.40
CA PHE A 66 -32.64 24.36 20.55
C PHE A 66 -31.73 23.66 21.56
N PHE A 67 -30.45 24.02 21.58
CA PHE A 67 -29.51 23.46 22.54
C PHE A 67 -29.14 24.49 23.60
N SER A 68 -28.54 24.01 24.68
CA SER A 68 -28.21 24.86 25.82
C SER A 68 -26.98 25.70 25.50
N ASN A 69 -27.04 26.98 25.88
CA ASN A 69 -25.94 27.91 25.72
C ASN A 69 -25.67 28.60 27.04
N VAL A 70 -24.38 28.80 27.36
CA VAL A 70 -24.02 29.42 28.63
C VAL A 70 -24.39 30.90 28.60
N THR A 71 -24.80 31.43 29.75
CA THR A 71 -25.32 32.79 29.82
C THR A 71 -24.50 33.65 30.78
N TRP A 72 -23.17 33.62 30.66
CA TRP A 72 -22.31 34.41 31.53
C TRP A 72 -22.69 35.87 31.51
N PHE A 73 -23.14 36.38 32.66
CA PHE A 73 -23.46 37.80 32.82
C PHE A 73 -22.20 38.51 33.31
N HIS A 74 -21.65 39.39 32.47
CA HIS A 74 -20.40 40.08 32.78
C HIS A 74 -20.69 41.36 33.54
N ALA A 75 -20.00 41.55 34.67
CA ALA A 75 -20.13 42.73 35.50
C ALA A 75 -18.84 43.53 35.46
N ILE A 76 -18.97 44.86 35.41
CA ILE A 76 -17.84 45.77 35.30
C ILE A 76 -17.76 46.53 36.62
N HIS A 77 -16.81 46.16 37.47
CA HIS A 77 -16.62 46.80 38.77
C HIS A 77 -15.15 46.81 39.11
N VAL A 78 -14.76 47.72 40.01
CA VAL A 78 -13.40 47.88 40.47
C VAL A 78 -13.38 48.01 41.97
N SER A 79 -12.51 47.25 42.64
CA SER A 79 -12.34 47.30 44.08
C SER A 79 -10.95 47.75 44.49
N GLY A 80 -10.21 48.39 43.59
CA GLY A 80 -8.87 48.85 43.91
C GLY A 80 -8.09 49.12 42.65
N THR A 81 -6.89 49.67 42.85
CA THR A 81 -6.02 50.00 41.72
C THR A 81 -5.53 48.74 41.02
N ASN A 82 -5.26 47.68 41.77
CA ASN A 82 -4.80 46.41 41.21
C ASN A 82 -5.84 45.31 41.32
N GLY A 83 -7.02 45.61 41.85
CA GLY A 83 -8.08 44.62 41.97
C GLY A 83 -9.18 44.81 40.96
N THR A 84 -9.29 43.90 40.01
CA THR A 84 -10.30 43.96 38.96
C THR A 84 -11.14 42.69 39.01
N LYS A 85 -12.47 42.86 39.09
CA LYS A 85 -13.40 41.75 39.13
C LYS A 85 -14.12 41.64 37.79
N ARG A 86 -13.97 40.50 37.13
CA ARG A 86 -14.58 40.28 35.83
C ARG A 86 -14.69 38.78 35.59
N PHE A 87 -15.83 38.35 35.04
CA PHE A 87 -16.10 36.94 34.79
C PHE A 87 -15.29 36.49 33.59
N ASP A 88 -14.04 36.10 33.84
CA ASP A 88 -13.13 35.60 32.82
C ASP A 88 -12.73 34.18 33.22
N ASN A 89 -13.53 33.20 32.80
CA ASN A 89 -13.27 31.82 33.15
C ASN A 89 -12.72 31.05 31.96
N PRO A 90 -11.82 30.10 32.19
CA PRO A 90 -11.24 29.30 31.09
C PRO A 90 -12.21 28.23 30.56
N VAL A 91 -13.09 28.66 29.65
CA VAL A 91 -14.03 27.75 29.05
C VAL A 91 -13.29 26.73 28.21
N LEU A 92 -13.75 25.47 28.25
CA LEU A 92 -13.11 24.39 27.52
C LEU A 92 -13.86 24.12 26.23
N PRO A 93 -13.33 24.52 25.07
CA PRO A 93 -13.99 24.24 23.78
C PRO A 93 -13.64 22.89 23.19
N PHE A 94 -14.30 21.84 23.70
CA PHE A 94 -14.16 20.52 23.09
C PHE A 94 -14.53 20.56 21.61
N ASN A 95 -15.48 21.42 21.25
CA ASN A 95 -15.79 21.71 19.86
C ASN A 95 -15.88 23.22 19.70
N ASP A 96 -15.96 23.68 18.45
CA ASP A 96 -16.00 25.11 18.18
C ASP A 96 -17.32 25.70 18.69
N GLY A 97 -17.27 26.96 19.10
CA GLY A 97 -18.40 27.61 19.72
C GLY A 97 -18.70 28.97 19.13
N VAL A 98 -19.98 29.34 19.19
CA VAL A 98 -20.41 30.66 18.75
C VAL A 98 -20.07 31.68 19.82
N TYR A 99 -19.45 32.79 19.40
CA TYR A 99 -19.13 33.90 20.30
C TYR A 99 -19.83 35.15 19.75
N PHE A 100 -20.97 35.48 20.35
CA PHE A 100 -21.75 36.63 19.90
C PHE A 100 -21.01 37.93 20.16
N ALA A 101 -21.48 38.99 19.51
CA ALA A 101 -20.87 40.32 19.59
C ALA A 101 -21.92 41.35 20.00
N SER A 102 -22.69 41.03 21.03
CA SER A 102 -23.72 41.93 21.55
C SER A 102 -23.04 43.03 22.34
N THR A 103 -22.35 43.92 21.63
CA THR A 103 -21.65 45.05 22.22
C THR A 103 -22.32 46.35 21.82
N GLU A 104 -22.22 47.35 22.70
CA GLU A 104 -22.79 48.65 22.39
C GLU A 104 -21.85 49.46 21.51
N LYS A 105 -20.64 49.77 22.00
CA LYS A 105 -19.64 50.45 21.20
C LYS A 105 -18.34 49.66 21.09
N SER A 106 -17.69 49.36 22.22
CA SER A 106 -16.37 48.74 22.18
C SER A 106 -16.18 47.72 23.29
N ASN A 107 -17.24 47.00 23.67
CA ASN A 107 -17.14 46.03 24.75
C ASN A 107 -16.16 44.92 24.40
N ILE A 108 -16.45 44.17 23.34
CA ILE A 108 -15.55 43.14 22.83
C ILE A 108 -14.81 43.70 21.63
N ILE A 109 -13.48 43.68 21.70
CA ILE A 109 -12.66 44.20 20.61
C ILE A 109 -11.69 43.12 20.14
N ARG A 110 -11.35 42.19 21.03
CA ARG A 110 -10.34 41.18 20.75
C ARG A 110 -10.89 39.81 21.12
N GLY A 111 -10.02 38.81 21.06
CA GLY A 111 -10.37 37.44 21.43
C GLY A 111 -9.13 36.57 21.57
N TRP A 112 -9.05 35.83 22.67
CA TRP A 112 -7.88 35.02 22.96
C TRP A 112 -8.14 33.55 22.63
N ILE A 113 -7.08 32.85 22.23
CA ILE A 113 -7.13 31.43 21.92
C ILE A 113 -5.84 30.80 22.43
N PHE A 114 -5.97 29.80 23.31
CA PHE A 114 -4.83 29.11 23.87
C PHE A 114 -4.93 27.62 23.61
N GLY A 115 -3.80 26.93 23.74
CA GLY A 115 -3.80 25.48 23.61
C GLY A 115 -3.54 24.79 24.93
N THR A 116 -2.64 25.36 25.74
CA THR A 116 -2.31 24.82 27.05
C THR A 116 -2.21 25.85 28.16
N THR A 117 -2.16 27.15 27.84
CA THR A 117 -1.97 28.22 28.81
C THR A 117 -0.70 28.01 29.64
N LEU A 118 0.31 27.38 29.05
CA LEU A 118 1.58 27.12 29.74
C LEU A 118 2.78 27.44 28.86
N ASP A 119 2.59 28.27 27.83
CA ASP A 119 3.67 28.66 26.92
C ASP A 119 4.31 27.44 26.26
N SER A 120 3.47 26.56 25.71
CA SER A 120 3.94 25.36 25.05
C SER A 120 3.38 25.17 23.64
N LYS A 121 2.40 25.98 23.24
CA LYS A 121 1.81 25.88 21.91
C LYS A 121 1.66 27.27 21.31
N THR A 122 1.46 27.31 19.99
CA THR A 122 1.30 28.57 19.30
C THR A 122 -0.04 29.22 19.66
N GLN A 123 -0.03 30.54 19.74
CA GLN A 123 -1.19 31.31 20.15
C GLN A 123 -1.78 32.04 18.93
N SER A 124 -2.82 32.83 19.17
CA SER A 124 -3.48 33.61 18.13
C SER A 124 -4.36 34.66 18.78
N LEU A 125 -4.31 35.87 18.24
CA LEU A 125 -5.07 36.99 18.77
C LEU A 125 -5.75 37.74 17.63
N LEU A 126 -7.07 37.95 17.77
CA LEU A 126 -7.82 38.74 16.81
C LEU A 126 -7.99 40.16 17.34
N ILE A 127 -6.88 40.91 17.28
CA ILE A 127 -6.84 42.28 17.78
C ILE A 127 -7.26 43.18 16.63
N VAL A 128 -8.57 43.37 16.48
CA VAL A 128 -9.13 44.24 15.45
C VAL A 128 -9.52 45.53 16.15
N ASN A 129 -8.59 46.49 16.17
CA ASN A 129 -8.79 47.78 16.77
C ASN A 129 -8.85 48.85 15.69
N ASN A 130 -8.90 50.12 16.12
CA ASN A 130 -8.97 51.24 15.18
C ASN A 130 -7.68 51.33 14.39
N ALA A 131 -7.77 51.07 13.08
CA ALA A 131 -6.64 51.14 12.15
C ALA A 131 -5.50 50.20 12.53
N THR A 132 -5.77 49.21 13.38
CA THR A 132 -4.75 48.24 13.81
C THR A 132 -5.42 46.87 13.89
N ASN A 133 -5.07 46.00 12.96
CA ASN A 133 -5.60 44.63 12.89
C ASN A 133 -4.47 43.62 12.82
N VAL A 134 -3.47 43.80 13.66
CA VAL A 134 -2.30 42.92 13.66
C VAL A 134 -2.61 41.67 14.46
N VAL A 135 -2.33 40.50 13.88
CA VAL A 135 -2.52 39.21 14.55
C VAL A 135 -1.15 38.70 14.98
N ILE A 136 -1.04 38.35 16.26
CA ILE A 136 0.21 37.87 16.85
C ILE A 136 0.03 36.40 17.19
N LYS A 137 0.99 35.58 16.78
CA LYS A 137 0.99 34.14 17.01
C LYS A 137 2.31 33.69 17.63
N VAL A 138 2.75 34.42 18.66
CA VAL A 138 4.00 34.12 19.35
C VAL A 138 3.68 33.42 20.65
N CYS A 139 4.44 32.38 20.97
CA CYS A 139 4.24 31.63 22.20
C CYS A 139 4.73 32.47 23.38
N GLU A 140 3.80 32.93 24.21
CA GLU A 140 4.13 33.78 25.35
C GLU A 140 3.25 33.39 26.53
N PHE A 141 3.82 33.54 27.73
CA PHE A 141 3.11 33.33 28.99
C PHE A 141 3.01 34.70 29.66
N GLN A 142 1.95 35.43 29.33
CA GLN A 142 1.84 36.83 29.76
C GLN A 142 1.35 36.95 31.20
N PHE A 143 0.12 36.51 31.46
CA PHE A 143 -0.50 36.65 32.77
C PHE A 143 -1.60 35.61 32.89
N CYS A 144 -2.46 35.77 33.91
CA CYS A 144 -3.64 34.93 34.07
C CYS A 144 -4.94 35.67 33.76
N ASN A 145 -4.96 36.99 33.91
CA ASN A 145 -6.13 37.80 33.59
C ASN A 145 -5.69 38.93 32.68
N ASP A 146 -6.39 39.11 31.56
CA ASP A 146 -6.00 40.11 30.57
C ASP A 146 -6.97 41.27 30.58
N PRO A 147 -6.58 42.43 31.10
CA PRO A 147 -7.44 43.61 31.03
C PRO A 147 -7.15 44.45 29.79
N PHE A 148 -8.16 45.21 29.39
CA PHE A 148 -8.07 46.02 28.17
C PHE A 148 -8.70 47.38 28.42
N LEU A 149 -7.95 48.45 28.16
CA LEU A 149 -8.41 49.81 28.32
C LEU A 149 -8.06 50.62 27.06
N ASP A 150 -8.65 51.81 26.97
CA ASP A 150 -8.35 52.74 25.89
C ASP A 150 -7.75 54.04 26.44
N VAL A 151 -7.08 53.95 27.58
CA VAL A 151 -6.44 55.09 28.22
C VAL A 151 -4.95 55.01 27.95
N TYR A 152 -4.41 56.06 27.32
CA TYR A 152 -2.99 56.08 27.00
C TYR A 152 -2.16 56.15 28.28
N GLN A 153 -1.21 55.22 28.42
CA GLN A 153 -0.38 55.15 29.61
C GLN A 153 0.46 56.42 29.77
N LYS A 154 1.39 56.64 28.84
CA LYS A 154 2.24 57.84 28.86
C LYS A 154 2.52 58.22 27.40
N ASN A 155 1.70 59.11 26.86
CA ASN A 155 1.82 59.60 25.50
C ASN A 155 1.92 58.45 24.50
N ASN A 156 0.88 57.62 24.48
CA ASN A 156 0.83 56.45 23.61
C ASN A 156 0.35 56.79 22.20
N LYS A 157 0.35 58.06 21.82
CA LYS A 157 -0.07 58.44 20.47
C LYS A 157 0.99 58.12 19.43
N SER A 158 2.25 57.95 19.84
CA SER A 158 3.32 57.62 18.91
C SER A 158 3.44 56.13 18.66
N TRP A 159 3.09 55.30 19.64
CA TRP A 159 3.14 53.86 19.49
C TRP A 159 1.82 53.34 18.97
N MET A 160 1.64 52.02 18.96
CA MET A 160 0.39 51.43 18.51
C MET A 160 -0.71 51.65 19.54
N GLU A 161 -1.96 51.63 19.06
CA GLU A 161 -3.10 51.83 19.95
C GLU A 161 -3.31 50.67 20.92
N SER A 162 -2.68 49.52 20.68
CA SER A 162 -2.79 48.40 21.60
C SER A 162 -1.86 48.59 22.78
N GLU A 163 -2.41 48.56 23.99
CA GLU A 163 -1.60 48.76 25.19
C GLU A 163 -0.62 47.60 25.38
N PHE A 164 0.49 47.90 26.05
CA PHE A 164 1.52 46.92 26.31
C PHE A 164 1.30 46.16 27.62
N ARG A 165 0.17 46.39 28.29
CA ARG A 165 -0.15 45.67 29.52
C ARG A 165 -0.69 44.27 29.26
N VAL A 166 -0.88 43.89 27.99
CA VAL A 166 -1.41 42.56 27.69
C VAL A 166 -0.32 41.51 27.79
N TYR A 167 0.87 41.81 27.29
CA TYR A 167 1.99 40.88 27.27
C TYR A 167 2.97 41.22 28.39
N SER A 168 3.90 40.30 28.63
CA SER A 168 4.94 40.49 29.63
C SER A 168 6.33 40.10 29.15
N SER A 169 6.45 39.39 28.04
CA SER A 169 7.75 38.99 27.52
C SER A 169 7.65 38.90 26.00
N ALA A 170 8.65 38.29 25.37
CA ALA A 170 8.67 38.14 23.93
C ALA A 170 9.51 36.94 23.55
N ASN A 171 9.17 36.31 22.44
CA ASN A 171 9.87 35.13 21.94
C ASN A 171 10.00 35.26 20.44
N ASN A 172 10.40 34.16 19.78
CA ASN A 172 10.57 34.15 18.34
C ASN A 172 9.22 34.26 17.65
N CYS A 173 9.07 35.26 16.77
CA CYS A 173 7.83 35.46 16.05
C CYS A 173 7.75 34.48 14.89
N THR A 174 6.75 33.59 14.93
CA THR A 174 6.59 32.60 13.87
C THR A 174 5.92 33.20 12.64
N PHE A 175 4.69 33.69 12.79
CA PHE A 175 3.95 34.28 11.69
C PHE A 175 3.06 35.39 12.22
N GLU A 176 2.84 36.40 11.39
CA GLU A 176 1.97 37.51 11.73
C GLU A 176 1.10 37.86 10.53
N TYR A 177 0.04 38.61 10.77
CA TYR A 177 -0.90 39.02 9.74
C TYR A 177 -1.08 40.53 9.78
N VAL A 178 -1.08 41.15 8.60
CA VAL A 178 -1.22 42.59 8.48
C VAL A 178 -2.51 42.90 7.72
N SER A 179 -3.55 42.10 7.96
CA SER A 179 -4.83 42.29 7.29
C SER A 179 -5.38 43.69 7.55
N GLN A 180 -5.64 44.43 6.48
CA GLN A 180 -6.12 45.80 6.57
C GLN A 180 -7.61 45.88 6.91
N PRO A 181 -8.50 45.13 6.24
CA PRO A 181 -9.94 45.26 6.56
C PRO A 181 -10.24 44.79 7.97
N PHE A 182 -11.20 45.47 8.59
CA PHE A 182 -11.58 45.17 9.96
C PHE A 182 -12.58 44.02 10.01
N LEU A 183 -12.24 42.98 10.77
CA LEU A 183 -13.17 41.88 11.00
C LEU A 183 -14.00 42.11 12.26
N MET A 184 -14.61 43.30 12.34
CA MET A 184 -15.39 43.70 13.51
C MET A 184 -16.45 44.69 13.06
N ASP A 185 -17.71 44.34 13.26
CA ASP A 185 -18.83 45.23 12.96
C ASP A 185 -19.17 46.05 14.19
N LEU A 186 -19.08 47.37 14.07
CA LEU A 186 -19.34 48.27 15.19
C LEU A 186 -20.22 49.42 14.70
N GLU A 187 -21.44 49.50 15.25
CA GLU A 187 -22.38 50.56 14.89
C GLU A 187 -23.02 51.06 16.20
N GLY A 188 -22.51 52.16 16.72
CA GLY A 188 -22.99 52.72 17.96
C GLY A 188 -24.27 53.51 17.88
N LYS A 189 -24.95 53.48 16.73
CA LYS A 189 -26.20 54.22 16.56
C LYS A 189 -27.43 53.38 16.83
N GLU A 190 -27.38 52.08 16.53
CA GLU A 190 -28.54 51.22 16.72
C GLU A 190 -28.75 50.90 18.20
N GLY A 191 -27.69 50.53 18.90
CA GLY A 191 -27.75 50.15 20.29
C GLY A 191 -27.88 48.65 20.52
N ASN A 192 -28.73 47.99 19.73
CA ASN A 192 -28.87 46.55 19.79
C ASN A 192 -27.89 45.89 18.82
N PHE A 193 -27.35 44.73 19.23
CA PHE A 193 -26.34 44.03 18.44
C PHE A 193 -26.65 42.53 18.46
N LYS A 194 -27.40 42.09 17.46
CA LYS A 194 -27.69 40.66 17.27
C LYS A 194 -26.75 40.13 16.19
N ASN A 195 -25.49 39.94 16.58
CA ASN A 195 -24.45 39.47 15.67
C ASN A 195 -24.24 37.98 15.83
N LEU A 196 -23.82 37.33 14.75
CA LEU A 196 -23.54 35.89 14.74
C LEU A 196 -22.12 35.67 14.23
N ARG A 197 -21.32 34.98 15.04
CA ARG A 197 -19.94 34.67 14.68
C ARG A 197 -19.64 33.23 15.05
N GLU A 198 -19.00 32.50 14.13
CA GLU A 198 -18.65 31.12 14.35
C GLU A 198 -17.18 30.90 14.01
N PHE A 199 -16.65 29.76 14.45
CA PHE A 199 -15.26 29.40 14.23
C PHE A 199 -15.18 27.94 13.79
N VAL A 200 -14.09 27.62 13.09
CA VAL A 200 -13.84 26.27 12.60
C VAL A 200 -12.39 25.92 12.91
N PHE A 201 -12.18 24.94 13.78
CA PHE A 201 -10.84 24.55 14.20
C PHE A 201 -10.29 23.39 13.37
N LYS A 202 -10.27 23.58 12.05
CA LYS A 202 -9.71 22.58 11.15
C LYS A 202 -8.22 22.85 10.93
N ASN A 203 -7.50 21.78 10.57
CA ASN A 203 -6.06 21.91 10.34
C ASN A 203 -5.74 22.63 9.04
N ILE A 204 -6.72 22.82 8.17
CA ILE A 204 -6.48 23.47 6.87
C ILE A 204 -6.65 24.98 7.02
N ASP A 205 -7.85 25.42 7.41
CA ASP A 205 -8.15 26.83 7.54
C ASP A 205 -8.95 27.06 8.81
N GLY A 206 -9.15 28.33 9.14
CA GLY A 206 -9.91 28.70 10.32
C GLY A 206 -11.36 28.98 10.03
N TYR A 207 -11.65 29.44 8.81
CA TYR A 207 -13.02 29.71 8.36
C TYR A 207 -13.75 30.66 9.31
N PHE A 208 -13.17 31.85 9.47
CA PHE A 208 -13.76 32.86 10.33
C PHE A 208 -14.95 33.50 9.61
N LYS A 209 -16.14 33.36 10.20
CA LYS A 209 -17.37 33.88 9.62
C LYS A 209 -17.99 34.87 10.61
N ILE A 210 -18.11 36.13 10.18
CA ILE A 210 -18.63 37.19 11.02
C ILE A 210 -19.66 37.98 10.24
N TYR A 211 -20.85 38.16 10.83
CA TYR A 211 -21.91 38.98 10.24
C TYR A 211 -22.54 39.80 11.35
N SER A 212 -23.48 40.66 10.97
CA SER A 212 -24.16 41.53 11.92
C SER A 212 -25.56 41.84 11.41
N LYS A 213 -26.52 41.90 12.32
CA LYS A 213 -27.90 42.25 12.01
C LYS A 213 -28.40 43.22 13.06
N HIS A 214 -29.71 43.48 13.03
CA HIS A 214 -30.33 44.40 13.97
C HIS A 214 -31.76 43.96 14.23
N THR A 215 -32.14 43.83 15.50
CA THR A 215 -33.49 43.42 15.84
C THR A 215 -34.42 44.63 15.84
N PRO A 216 -35.64 44.48 15.33
CA PRO A 216 -36.60 45.59 15.31
C PRO A 216 -37.39 45.78 16.60
N ILE A 217 -37.05 45.07 17.67
CA ILE A 217 -37.75 45.17 18.94
C ILE A 217 -36.72 45.26 20.06
N ASN A 218 -37.00 46.13 21.04
CA ASN A 218 -36.10 46.36 22.16
C ASN A 218 -36.50 45.49 23.35
N LEU A 219 -36.50 44.17 23.12
CA LEU A 219 -36.81 43.20 24.17
C LEU A 219 -35.54 42.88 24.95
N GLU A 220 -35.60 41.83 25.77
CA GLU A 220 -34.45 41.43 26.57
C GLU A 220 -33.33 40.89 25.67
N ARG A 221 -32.19 40.62 26.30
CA ARG A 221 -31.00 40.14 25.58
C ARG A 221 -31.20 38.66 25.22
N ASP A 222 -32.12 38.42 24.30
CA ASP A 222 -32.42 37.09 23.80
C ASP A 222 -32.16 37.04 22.30
N LEU A 223 -31.89 35.84 21.81
CA LEU A 223 -31.62 35.65 20.39
C LEU A 223 -32.92 35.71 19.61
N PRO A 224 -33.04 36.57 18.60
CA PRO A 224 -34.29 36.66 17.84
C PRO A 224 -34.48 35.44 16.94
N GLN A 225 -35.75 35.18 16.62
CA GLN A 225 -36.10 34.06 15.76
C GLN A 225 -35.93 34.43 14.30
N GLY A 226 -35.71 33.41 13.48
CA GLY A 226 -35.52 33.57 12.05
C GLY A 226 -34.30 32.83 11.55
N PHE A 227 -34.19 32.79 10.23
CA PHE A 227 -33.09 32.12 9.55
C PHE A 227 -31.99 33.12 9.22
N SER A 228 -30.76 32.60 9.13
CA SER A 228 -29.59 33.45 8.88
C SER A 228 -28.43 32.56 8.47
N ALA A 229 -27.52 33.10 7.66
CA ALA A 229 -26.34 32.40 7.20
C ALA A 229 -25.10 33.28 7.39
N LEU A 230 -23.95 32.63 7.45
CA LEU A 230 -22.67 33.32 7.62
C LEU A 230 -21.73 32.92 6.50
N GLU A 231 -20.93 33.88 6.04
CA GLU A 231 -19.98 33.66 4.96
C GLU A 231 -18.54 33.85 5.46
N PRO A 232 -17.59 33.12 4.90
CA PRO A 232 -16.20 33.26 5.35
C PRO A 232 -15.60 34.59 4.94
N LEU A 233 -14.76 35.13 5.81
CA LEU A 233 -14.09 36.41 5.57
C LEU A 233 -12.59 36.24 5.42
N VAL A 234 -11.93 35.66 6.42
CA VAL A 234 -10.48 35.47 6.40
C VAL A 234 -10.17 34.09 6.96
N ASP A 235 -9.35 33.33 6.24
CA ASP A 235 -8.93 32.00 6.66
C ASP A 235 -7.45 32.00 6.99
N LEU A 236 -7.07 31.15 7.94
CA LEU A 236 -5.69 31.04 8.39
C LEU A 236 -5.15 29.66 8.07
N PRO A 237 -4.14 29.53 7.22
CA PRO A 237 -3.60 28.21 6.86
C PRO A 237 -2.69 27.59 7.91
N ILE A 238 -2.66 28.12 9.12
CA ILE A 238 -1.79 27.61 10.18
C ILE A 238 -2.61 26.67 11.05
N GLY A 239 -2.15 25.43 11.16
CA GLY A 239 -2.82 24.45 12.01
C GLY A 239 -2.34 24.50 13.44
N ILE A 240 -3.26 24.80 14.36
CA ILE A 240 -2.94 24.96 15.78
C ILE A 240 -3.89 24.09 16.58
N ASN A 241 -3.33 23.29 17.50
CA ASN A 241 -4.14 22.48 18.40
C ASN A 241 -4.79 23.38 19.44
N ILE A 242 -6.11 23.56 19.34
CA ILE A 242 -6.85 24.46 20.21
C ILE A 242 -7.67 23.61 21.18
N THR A 243 -7.44 23.81 22.48
CA THR A 243 -8.16 23.09 23.51
C THR A 243 -8.70 23.98 24.61
N ARG A 244 -8.29 25.24 24.69
CA ARG A 244 -8.76 26.16 25.72
C ARG A 244 -9.17 27.48 25.07
N PHE A 245 -10.25 28.06 25.57
CA PHE A 245 -10.79 29.30 25.02
C PHE A 245 -10.98 30.31 26.14
N GLN A 246 -10.71 31.57 25.84
CA GLN A 246 -10.85 32.66 26.80
C GLN A 246 -11.48 33.86 26.12
N THR A 247 -12.39 34.52 26.82
CA THR A 247 -13.05 35.72 26.33
C THR A 247 -12.32 36.97 26.82
N LEU A 248 -12.41 38.03 26.03
CA LEU A 248 -11.74 39.29 26.32
C LEU A 248 -12.75 40.41 26.35
N LEU A 249 -12.68 41.24 27.39
CA LEU A 249 -13.60 42.36 27.57
C LEU A 249 -12.82 43.63 27.84
N ALA A 250 -13.38 44.76 27.42
CA ALA A 250 -12.75 46.05 27.65
C ALA A 250 -13.31 46.69 28.92
N LEU A 251 -12.42 47.11 29.80
CA LEU A 251 -12.82 47.71 31.08
C LEU A 251 -13.58 49.00 30.87
N HIS A 252 -12.91 50.02 30.32
CA HIS A 252 -13.52 51.30 30.00
C HIS A 252 -14.24 51.92 31.20
N ARG A 253 -13.64 51.77 32.38
CA ARG A 253 -14.24 52.33 33.59
C ARG A 253 -13.89 53.81 33.73
N SER A 254 -12.60 54.13 33.85
CA SER A 254 -12.09 55.49 33.90
C SER A 254 -12.63 56.28 35.11
N TYR A 255 -13.40 55.61 35.97
CA TYR A 255 -13.99 56.26 37.14
C TYR A 255 -14.16 55.21 38.24
N LEU A 256 -14.68 55.66 39.38
CA LEU A 256 -14.91 54.78 40.51
C LEU A 256 -16.29 54.93 41.15
N THR A 257 -17.03 56.00 40.83
CA THR A 257 -18.35 56.23 41.41
C THR A 257 -19.43 56.20 40.34
N PRO A 258 -20.59 55.63 40.63
CA PRO A 258 -21.67 55.60 39.65
C PRO A 258 -22.31 56.97 39.48
N GLY A 259 -22.82 57.21 38.28
CA GLY A 259 -23.46 58.46 37.96
C GLY A 259 -22.60 59.48 37.23
N ASP A 260 -21.42 59.08 36.78
CA ASP A 260 -20.52 59.98 36.06
C ASP A 260 -20.85 59.94 34.57
N SER A 261 -19.97 60.53 33.75
CA SER A 261 -20.19 60.58 32.31
C SER A 261 -19.97 59.22 31.63
N SER A 262 -19.56 58.20 32.38
CA SER A 262 -19.35 56.87 31.82
C SER A 262 -20.28 55.81 32.41
N SER A 263 -21.17 56.19 33.33
CA SER A 263 -22.09 55.25 33.95
C SER A 263 -23.47 55.90 34.01
N GLY A 264 -24.49 55.06 34.24
CA GLY A 264 -25.85 55.53 34.29
C GLY A 264 -26.44 55.83 32.93
N TRP A 265 -25.86 56.81 32.24
CA TRP A 265 -26.33 57.14 30.89
C TRP A 265 -25.97 56.05 29.89
N THR A 266 -24.83 55.39 30.09
CA THR A 266 -24.35 54.33 29.19
C THR A 266 -24.06 53.06 29.98
N ALA A 267 -25.00 52.67 30.84
CA ALA A 267 -24.88 51.44 31.61
C ALA A 267 -25.16 50.27 30.67
N GLY A 268 -24.09 49.74 30.07
CA GLY A 268 -24.24 48.71 29.05
C GLY A 268 -23.40 47.47 29.27
N ALA A 269 -23.31 47.02 30.52
CA ALA A 269 -22.61 45.77 30.81
C ALA A 269 -23.25 44.62 30.05
N ALA A 270 -22.50 44.08 29.08
CA ALA A 270 -23.06 43.12 28.16
C ALA A 270 -22.86 41.68 28.67
N ALA A 271 -23.48 40.74 27.96
CA ALA A 271 -23.38 39.33 28.28
C ALA A 271 -23.41 38.55 26.97
N TYR A 272 -22.61 37.47 26.91
CA TYR A 272 -22.43 36.73 25.68
C TYR A 272 -22.63 35.24 25.95
N TYR A 273 -22.92 34.50 24.89
CA TYR A 273 -23.21 33.08 24.97
C TYR A 273 -22.19 32.28 24.18
N VAL A 274 -22.01 31.02 24.57
CA VAL A 274 -21.06 30.12 23.94
C VAL A 274 -21.78 28.82 23.60
N GLY A 275 -21.56 28.32 22.39
CA GLY A 275 -22.12 27.07 21.95
C GLY A 275 -21.06 26.00 21.75
N TYR A 276 -21.49 24.90 21.11
CA TYR A 276 -20.60 23.79 20.82
C TYR A 276 -21.04 23.11 19.53
N LEU A 277 -20.10 22.46 18.87
CA LEU A 277 -20.34 21.76 17.62
C LEU A 277 -20.59 20.28 17.85
N GLN A 278 -21.40 19.69 16.98
CA GLN A 278 -21.65 18.26 16.95
C GLN A 278 -21.72 17.87 15.47
N PRO A 279 -20.92 16.91 15.02
CA PRO A 279 -20.94 16.55 13.59
C PRO A 279 -22.24 15.88 13.18
N ARG A 280 -23.07 16.58 12.43
CA ARG A 280 -24.35 16.06 11.97
C ARG A 280 -24.54 16.43 10.51
N THR A 281 -25.70 16.10 9.97
CA THR A 281 -26.03 16.34 8.57
C THR A 281 -26.93 17.56 8.46
N PHE A 282 -26.59 18.48 7.57
CA PHE A 282 -27.32 19.72 7.41
C PHE A 282 -27.78 19.89 5.97
N LEU A 283 -28.80 20.71 5.79
CA LEU A 283 -29.36 21.02 4.47
C LEU A 283 -29.29 22.51 4.23
N LEU A 284 -28.92 22.89 3.00
CA LEU A 284 -28.82 24.29 2.62
C LEU A 284 -29.43 24.48 1.24
N LYS A 285 -30.04 25.65 1.03
CA LYS A 285 -30.63 26.02 -0.25
C LYS A 285 -29.90 27.23 -0.81
N TYR A 286 -29.78 27.27 -2.13
CA TYR A 286 -29.11 28.38 -2.83
C TYR A 286 -30.06 28.96 -3.86
N ASN A 287 -30.33 30.26 -3.73
CA ASN A 287 -31.20 30.96 -4.67
C ASN A 287 -30.43 31.25 -5.97
N GLU A 288 -31.10 31.95 -6.88
CA GLU A 288 -30.46 32.33 -8.13
C GLU A 288 -29.27 33.26 -7.91
N ASN A 289 -29.31 34.05 -6.83
CA ASN A 289 -28.19 34.92 -6.51
C ASN A 289 -27.15 34.22 -5.66
N GLY A 290 -27.56 33.29 -4.80
CA GLY A 290 -26.64 32.56 -3.96
C GLY A 290 -26.88 32.76 -2.48
N THR A 291 -28.12 33.08 -2.11
CA THR A 291 -28.49 33.32 -0.72
C THR A 291 -29.22 32.10 -0.14
N ILE A 292 -28.98 31.86 1.14
CA ILE A 292 -29.61 30.76 1.85
C ILE A 292 -30.92 31.25 2.46
N THR A 293 -32.00 30.50 2.22
CA THR A 293 -33.31 30.86 2.74
C THR A 293 -33.59 30.20 4.08
N ASP A 294 -33.52 28.87 4.14
CA ASP A 294 -33.82 28.11 5.34
C ASP A 294 -32.69 27.11 5.61
N ALA A 295 -32.80 26.43 6.74
CA ALA A 295 -31.84 25.41 7.13
C ALA A 295 -32.58 24.31 7.88
N VAL A 296 -32.22 23.05 7.59
CA VAL A 296 -32.88 21.89 8.15
C VAL A 296 -31.83 20.92 8.65
N ASP A 297 -31.93 20.55 9.93
CA ASP A 297 -31.04 19.57 10.54
C ASP A 297 -31.79 18.26 10.73
N CYS A 298 -31.17 17.16 10.31
CA CYS A 298 -31.87 15.88 10.31
C CYS A 298 -32.06 15.34 11.73
N ALA A 299 -31.17 15.69 12.66
CA ALA A 299 -31.18 15.13 14.00
C ALA A 299 -31.79 16.07 15.03
N LEU A 300 -32.82 16.83 14.64
CA LEU A 300 -33.54 17.68 15.58
C LEU A 300 -34.94 17.16 15.91
N ASP A 301 -35.75 16.89 14.89
CA ASP A 301 -37.11 16.42 15.08
C ASP A 301 -37.45 15.46 13.96
N PRO A 302 -38.42 14.56 14.17
CA PRO A 302 -38.85 13.69 13.06
C PRO A 302 -39.44 14.45 11.89
N LEU A 303 -39.91 15.68 12.10
CA LEU A 303 -40.36 16.51 10.98
C LEU A 303 -39.23 16.73 9.99
N SER A 304 -38.04 17.04 10.48
CA SER A 304 -36.90 17.33 9.62
C SER A 304 -36.21 16.06 9.11
N GLU A 305 -36.52 14.90 9.68
CA GLU A 305 -35.90 13.66 9.20
C GLU A 305 -36.36 13.31 7.80
N THR A 306 -37.58 13.69 7.43
CA THR A 306 -38.09 13.39 6.09
C THR A 306 -37.48 14.31 5.04
N LYS A 307 -36.98 15.48 5.45
CA LYS A 307 -36.40 16.42 4.51
C LYS A 307 -34.97 16.05 4.09
N CYS A 308 -34.32 15.16 4.84
CA CYS A 308 -32.95 14.77 4.51
C CYS A 308 -32.91 13.52 3.63
N THR A 309 -33.68 12.49 3.98
CA THR A 309 -33.71 11.28 3.16
C THR A 309 -34.35 11.56 1.81
N LEU A 310 -35.36 12.42 1.77
CA LEU A 310 -36.00 12.85 0.53
C LEU A 310 -35.69 14.32 0.30
N LYS A 311 -35.13 14.63 -0.86
CA LYS A 311 -34.70 16.00 -1.17
C LYS A 311 -35.94 16.85 -1.46
N SER A 312 -36.58 17.29 -0.37
CA SER A 312 -37.78 18.11 -0.47
C SER A 312 -38.01 18.78 0.88
N PHE A 313 -38.68 19.94 0.83
CA PHE A 313 -39.01 20.69 2.03
C PHE A 313 -40.50 20.76 2.32
N THR A 314 -41.35 20.35 1.38
CA THR A 314 -42.80 20.32 1.57
C THR A 314 -43.23 18.85 1.58
N VAL A 315 -43.18 18.24 2.77
CA VAL A 315 -43.51 16.84 2.89
C VAL A 315 -45.01 16.65 2.75
N GLU A 316 -45.42 15.59 2.07
CA GLU A 316 -46.83 15.29 1.85
C GLU A 316 -47.40 14.50 3.02
N LYS A 317 -48.72 14.40 3.04
CA LYS A 317 -49.40 13.67 4.11
C LYS A 317 -49.12 12.18 3.99
N GLY A 318 -48.78 11.55 5.12
CA GLY A 318 -48.50 10.14 5.13
C GLY A 318 -47.26 9.78 5.95
N ILE A 319 -46.58 8.71 5.55
CA ILE A 319 -45.38 8.24 6.24
C ILE A 319 -44.25 8.12 5.22
N TYR A 320 -43.03 8.10 5.74
CA TYR A 320 -41.83 7.97 4.90
C TYR A 320 -40.78 7.18 5.67
N GLN A 321 -39.87 6.57 4.91
CA GLN A 321 -38.77 5.80 5.49
C GLN A 321 -37.56 6.71 5.66
N THR A 322 -37.18 6.96 6.91
CA THR A 322 -36.10 7.87 7.24
C THR A 322 -35.11 7.19 8.17
N SER A 323 -34.16 7.96 8.69
CA SER A 323 -33.17 7.49 9.64
C SER A 323 -33.44 8.10 11.01
N ASN A 324 -32.85 7.48 12.04
CA ASN A 324 -33.04 7.95 13.40
C ASN A 324 -32.18 9.17 13.67
N PHE A 325 -32.14 9.58 14.95
CA PHE A 325 -31.39 10.76 15.35
C PHE A 325 -29.89 10.54 15.38
N ARG A 326 -29.42 9.31 15.16
CA ARG A 326 -27.99 9.05 15.16
C ARG A 326 -27.32 9.72 13.95
N VAL A 327 -26.05 10.08 14.13
CA VAL A 327 -25.26 10.74 13.10
C VAL A 327 -23.87 10.11 13.08
N GLN A 328 -22.99 10.66 12.24
CA GLN A 328 -21.64 10.16 12.09
C GLN A 328 -20.70 11.00 12.93
N PRO A 329 -19.61 10.43 13.47
CA PRO A 329 -18.68 11.23 14.28
C PRO A 329 -17.81 12.16 13.45
N THR A 330 -16.85 12.82 14.10
CA THR A 330 -15.97 13.74 13.40
C THR A 330 -15.08 13.01 12.42
N GLU A 331 -14.31 12.03 12.89
CA GLU A 331 -13.33 11.33 12.08
C GLU A 331 -13.83 9.94 11.72
N SER A 332 -13.42 9.47 10.54
CA SER A 332 -13.78 8.15 10.05
C SER A 332 -12.58 7.21 10.15
N ILE A 333 -12.85 5.91 9.99
CA ILE A 333 -11.82 4.88 10.04
C ILE A 333 -11.70 4.26 8.66
N VAL A 334 -10.50 4.35 8.08
CA VAL A 334 -10.25 3.92 6.71
C VAL A 334 -9.09 2.93 6.68
N ARG A 335 -8.93 2.17 7.77
CA ARG A 335 -7.82 1.23 7.90
C ARG A 335 -7.73 0.29 6.71
N PHE A 336 -6.52 0.16 6.16
CA PHE A 336 -6.22 -0.69 5.02
C PHE A 336 -5.12 -1.68 5.40
N PRO A 337 -4.86 -2.71 4.60
CA PRO A 337 -3.77 -3.65 4.93
C PRO A 337 -2.43 -2.94 5.00
N ASN A 338 -1.52 -3.51 5.80
CA ASN A 338 -0.21 -2.93 6.05
C ASN A 338 0.70 -3.25 4.87
N ILE A 339 0.80 -2.29 3.95
CA ILE A 339 1.67 -2.40 2.78
C ILE A 339 2.34 -1.05 2.55
N THR A 340 3.63 -1.08 2.21
CA THR A 340 4.41 0.14 2.01
C THR A 340 5.22 0.09 0.71
N ASN A 341 4.89 -0.82 -0.20
CA ASN A 341 5.59 -0.95 -1.47
C ASN A 341 4.82 -0.25 -2.57
N LEU A 342 5.54 0.44 -3.45
CA LEU A 342 4.93 1.15 -4.55
C LEU A 342 4.75 0.24 -5.76
N CYS A 343 3.63 0.42 -6.47
CA CYS A 343 3.37 -0.38 -7.64
C CYS A 343 4.30 0.04 -8.79
N PRO A 344 4.79 -0.92 -9.58
CA PRO A 344 5.69 -0.58 -10.70
C PRO A 344 4.93 -0.21 -11.97
N PHE A 345 4.08 0.82 -11.87
CA PHE A 345 3.36 1.29 -13.05
C PHE A 345 4.28 2.02 -14.03
N HIS A 346 5.37 2.61 -13.54
CA HIS A 346 6.30 3.31 -14.43
C HIS A 346 6.99 2.34 -15.38
N GLU A 347 7.26 1.12 -14.91
CA GLU A 347 7.93 0.13 -15.74
C GLU A 347 6.98 -0.43 -16.81
N VAL A 348 5.69 -0.16 -16.69
CA VAL A 348 4.70 -0.69 -17.62
C VAL A 348 4.50 0.27 -18.78
N PHE A 349 4.17 1.54 -18.47
CA PHE A 349 3.76 2.48 -19.51
C PHE A 349 4.94 2.91 -20.37
N ASN A 350 5.99 3.44 -19.74
CA ASN A 350 7.14 3.98 -20.48
C ASN A 350 8.25 2.96 -20.67
N ALA A 351 7.89 1.69 -20.85
CA ALA A 351 8.88 0.66 -21.14
C ALA A 351 9.59 0.95 -22.46
N THR A 352 10.74 0.30 -22.64
CA THR A 352 11.55 0.55 -23.83
C THR A 352 10.84 0.12 -25.10
N THR A 353 10.52 -1.17 -25.20
CA THR A 353 9.91 -1.73 -26.40
C THR A 353 8.70 -2.57 -26.02
N PHE A 354 7.65 -2.46 -26.84
CA PHE A 354 6.42 -3.22 -26.68
C PHE A 354 6.42 -4.38 -27.66
N ALA A 355 5.32 -5.13 -27.70
CA ALA A 355 5.19 -6.29 -28.56
C ALA A 355 3.89 -6.21 -29.36
N SER A 356 3.87 -6.95 -30.47
CA SER A 356 2.66 -7.05 -31.29
C SER A 356 1.53 -7.68 -30.50
N VAL A 357 0.30 -7.48 -30.98
CA VAL A 357 -0.84 -8.05 -30.27
C VAL A 357 -1.11 -9.45 -30.80
N TYR A 358 -0.28 -10.42 -30.38
CA TYR A 358 -0.65 -11.83 -30.38
C TYR A 358 -0.09 -12.44 -29.11
N ALA A 359 0.82 -11.71 -28.47
CA ALA A 359 1.49 -12.16 -27.26
C ALA A 359 1.62 -10.98 -26.29
N TRP A 360 0.52 -10.27 -26.07
CA TRP A 360 0.51 -9.05 -25.27
C TRP A 360 1.14 -9.30 -23.89
N ASN A 361 2.01 -8.37 -23.49
CA ASN A 361 2.71 -8.48 -22.22
C ASN A 361 1.75 -8.20 -21.08
N ARG A 362 1.38 -9.25 -20.35
CA ARG A 362 0.50 -9.14 -19.19
C ARG A 362 1.31 -9.39 -17.93
N LYS A 363 1.46 -8.35 -17.10
CA LYS A 363 2.23 -8.44 -15.86
C LYS A 363 1.30 -8.11 -14.70
N ARG A 364 1.23 -9.02 -13.73
CA ARG A 364 0.38 -8.81 -12.57
C ARG A 364 1.09 -7.95 -11.53
N ILE A 365 0.30 -7.21 -10.75
CA ILE A 365 0.81 -6.33 -9.71
C ILE A 365 0.12 -6.74 -8.41
N SER A 366 0.92 -7.07 -7.39
CA SER A 366 0.38 -7.50 -6.12
C SER A 366 1.34 -7.09 -5.01
N ASN A 367 0.81 -7.04 -3.78
CA ASN A 367 1.59 -6.74 -2.59
C ASN A 367 2.27 -5.38 -2.70
N CYS A 368 1.55 -4.41 -3.26
CA CYS A 368 2.07 -3.06 -3.41
C CYS A 368 0.93 -2.06 -3.21
N VAL A 369 1.29 -0.80 -3.08
CA VAL A 369 0.34 0.28 -2.86
C VAL A 369 0.11 1.00 -4.19
N ALA A 370 -1.14 1.02 -4.63
CA ALA A 370 -1.49 1.66 -5.90
C ALA A 370 -1.52 3.17 -5.75
N ASP A 371 -0.87 3.86 -6.68
CA ASP A 371 -0.83 5.33 -6.72
C ASP A 371 -1.23 5.76 -8.13
N TYR A 372 -2.51 6.03 -8.32
CA TYR A 372 -3.03 6.40 -9.63
C TYR A 372 -2.81 7.88 -9.91
N SER A 373 -1.56 8.34 -9.76
CA SER A 373 -1.20 9.73 -10.03
C SER A 373 -0.03 9.89 -10.98
N VAL A 374 0.92 8.94 -10.99
CA VAL A 374 2.03 9.02 -11.95
C VAL A 374 1.60 8.60 -13.34
N ILE A 375 0.43 7.96 -13.47
CA ILE A 375 -0.05 7.54 -14.78
C ILE A 375 -0.35 8.76 -15.65
N TYR A 376 -0.97 9.79 -15.08
CA TYR A 376 -1.29 10.99 -15.84
C TYR A 376 -0.04 11.77 -16.23
N ASN A 377 1.09 11.51 -15.57
CA ASN A 377 2.35 12.21 -15.86
C ASN A 377 3.15 11.57 -16.97
N PHE A 378 2.53 10.78 -17.86
CA PHE A 378 3.25 10.09 -18.93
C PHE A 378 3.00 10.71 -20.30
N ALA A 379 1.74 10.85 -20.70
CA ALA A 379 1.42 11.35 -22.03
C ALA A 379 -0.02 11.85 -22.08
N PRO A 380 -0.37 12.71 -23.06
CA PRO A 380 -1.77 13.13 -23.21
C PRO A 380 -2.63 12.01 -23.79
N PHE A 381 -3.11 11.14 -22.91
CA PHE A 381 -3.86 9.96 -23.33
C PHE A 381 -5.05 10.33 -24.21
N PHE A 382 -5.19 9.61 -25.33
CA PHE A 382 -6.30 9.87 -26.24
C PHE A 382 -7.61 9.33 -25.70
N ALA A 383 -7.57 8.29 -24.87
CA ALA A 383 -8.77 7.69 -24.32
C ALA A 383 -8.49 7.17 -22.92
N PHE A 384 -9.45 7.34 -22.03
CA PHE A 384 -9.37 6.89 -20.65
C PHE A 384 -10.65 6.20 -20.23
N LYS A 385 -11.18 5.35 -21.11
CA LYS A 385 -12.45 4.67 -20.87
C LYS A 385 -12.28 3.63 -19.79
N CYS A 386 -12.86 3.88 -18.61
CA CYS A 386 -12.80 2.96 -17.49
C CYS A 386 -14.15 2.25 -17.37
N TYR A 387 -14.30 1.16 -18.11
CA TYR A 387 -15.52 0.37 -18.06
C TYR A 387 -15.63 -0.34 -16.72
N GLY A 388 -16.67 -0.04 -15.96
CA GLY A 388 -16.85 -0.65 -14.66
C GLY A 388 -16.67 0.35 -13.52
N VAL A 389 -15.55 0.22 -12.80
CA VAL A 389 -15.28 1.12 -11.68
C VAL A 389 -15.04 2.53 -12.21
N SER A 390 -15.75 3.49 -11.61
CA SER A 390 -15.57 4.88 -12.00
C SER A 390 -14.18 5.37 -11.58
N PRO A 391 -13.54 6.23 -12.38
CA PRO A 391 -12.20 6.70 -12.02
C PRO A 391 -12.14 7.49 -10.72
N THR A 392 -13.28 8.01 -10.25
CA THR A 392 -13.28 8.73 -8.97
C THR A 392 -13.03 7.79 -7.80
N LYS A 393 -13.84 6.73 -7.71
CA LYS A 393 -13.66 5.73 -6.66
C LYS A 393 -12.58 4.72 -6.98
N LEU A 394 -12.00 4.75 -8.18
CA LEU A 394 -10.95 3.83 -8.57
C LEU A 394 -9.69 4.00 -7.73
N ASN A 395 -9.52 5.16 -7.09
CA ASN A 395 -8.29 5.43 -6.37
C ASN A 395 -8.16 4.57 -5.12
N ASP A 396 -9.26 4.38 -4.40
CA ASP A 396 -9.25 3.68 -3.11
C ASP A 396 -10.35 2.62 -3.10
N LEU A 397 -10.00 1.40 -3.52
CA LEU A 397 -10.92 0.27 -3.39
C LEU A 397 -10.24 -1.03 -2.94
N CYS A 398 -8.93 -1.06 -2.77
CA CYS A 398 -8.21 -2.25 -2.31
C CYS A 398 -8.52 -3.48 -3.15
N PHE A 399 -8.14 -3.45 -4.42
CA PHE A 399 -8.36 -4.58 -5.31
C PHE A 399 -7.43 -5.74 -4.94
N THR A 400 -7.88 -6.96 -5.21
CA THR A 400 -7.10 -8.16 -4.93
C THR A 400 -5.83 -8.19 -5.76
N ASN A 401 -5.98 -8.25 -7.09
CA ASN A 401 -4.85 -8.29 -8.00
C ASN A 401 -5.08 -7.30 -9.15
N VAL A 402 -3.97 -6.82 -9.71
CA VAL A 402 -4.01 -5.85 -10.81
C VAL A 402 -3.09 -6.36 -11.91
N TYR A 403 -3.64 -6.58 -13.10
CA TYR A 403 -2.88 -7.03 -14.25
C TYR A 403 -2.67 -5.87 -15.21
N ALA A 404 -1.51 -5.85 -15.85
CA ALA A 404 -1.12 -4.78 -16.77
C ALA A 404 -0.85 -5.39 -18.14
N ASP A 405 -1.81 -5.29 -19.04
CA ASP A 405 -1.66 -5.79 -20.40
C ASP A 405 -1.21 -4.66 -21.31
N SER A 406 -0.04 -4.80 -21.91
CA SER A 406 0.55 -3.77 -22.76
C SER A 406 0.74 -4.31 -24.17
N PHE A 407 0.36 -3.50 -25.16
CA PHE A 407 0.50 -3.89 -26.57
C PHE A 407 0.38 -2.64 -27.42
N VAL A 408 0.58 -2.82 -28.73
CA VAL A 408 0.52 -1.73 -29.71
C VAL A 408 -0.50 -2.13 -30.78
N ILE A 409 -1.59 -1.38 -30.85
CA ILE A 409 -2.66 -1.66 -31.81
C ILE A 409 -2.74 -0.48 -32.78
N ARG A 410 -3.51 -0.67 -33.86
CA ARG A 410 -3.71 0.36 -34.85
C ARG A 410 -4.45 1.55 -34.24
N GLY A 411 -4.25 2.72 -34.82
CA GLY A 411 -4.83 3.94 -34.26
C GLY A 411 -6.35 3.95 -34.34
N ASN A 412 -6.90 3.75 -35.53
CA ASN A 412 -8.35 3.78 -35.70
C ASN A 412 -9.03 2.54 -35.14
N GLU A 413 -8.28 1.62 -34.53
CA GLU A 413 -8.84 0.40 -33.96
C GLU A 413 -8.75 0.37 -32.44
N VAL A 414 -8.45 1.50 -31.80
CA VAL A 414 -8.38 1.54 -30.34
C VAL A 414 -9.77 1.44 -29.74
N SER A 415 -10.76 2.03 -30.40
CA SER A 415 -12.13 2.00 -29.88
C SER A 415 -12.71 0.59 -29.82
N GLN A 416 -12.14 -0.35 -30.58
CA GLN A 416 -12.62 -1.73 -30.55
C GLN A 416 -12.15 -2.49 -29.32
N ILE A 417 -11.19 -1.95 -28.58
CA ILE A 417 -10.70 -2.61 -27.36
C ILE A 417 -11.59 -2.10 -26.22
N ALA A 418 -12.73 -2.76 -26.06
CA ALA A 418 -13.74 -2.38 -25.07
C ALA A 418 -14.75 -3.52 -24.97
N PRO A 419 -15.49 -3.58 -23.86
CA PRO A 419 -16.59 -4.54 -23.78
C PRO A 419 -17.59 -4.34 -24.91
N GLY A 420 -18.06 -5.45 -25.46
CA GLY A 420 -18.84 -5.37 -26.68
C GLY A 420 -17.90 -5.34 -27.88
N GLN A 421 -18.25 -4.54 -28.88
CA GLN A 421 -17.40 -4.33 -30.06
C GLN A 421 -17.08 -5.67 -30.75
N THR A 422 -18.13 -6.22 -31.37
CA THR A 422 -18.05 -7.50 -32.07
C THR A 422 -16.76 -7.61 -32.88
N GLY A 423 -16.20 -8.82 -32.88
CA GLY A 423 -14.86 -9.09 -33.38
C GLY A 423 -14.50 -8.46 -34.71
N ASN A 424 -13.55 -7.53 -34.66
CA ASN A 424 -13.00 -6.91 -35.86
C ASN A 424 -11.72 -7.66 -36.24
N ILE A 425 -10.96 -7.11 -37.21
CA ILE A 425 -9.72 -7.74 -37.62
C ILE A 425 -8.65 -7.68 -36.55
N ALA A 426 -8.88 -6.94 -35.46
CA ALA A 426 -7.94 -6.87 -34.35
C ALA A 426 -8.52 -7.32 -33.02
N ASP A 427 -9.84 -7.52 -32.93
CA ASP A 427 -10.47 -7.99 -31.70
C ASP A 427 -10.32 -9.49 -31.51
N TYR A 428 -9.79 -10.20 -32.49
CA TYR A 428 -9.48 -11.62 -32.35
C TYR A 428 -8.10 -11.86 -31.77
N ASN A 429 -7.54 -10.88 -31.06
CA ASN A 429 -6.23 -11.01 -30.46
C ASN A 429 -6.31 -10.79 -28.95
N TYR A 430 -7.19 -9.90 -28.52
CA TYR A 430 -7.38 -9.60 -27.10
C TYR A 430 -8.75 -10.04 -26.61
N LYS A 431 -9.82 -9.58 -27.25
CA LYS A 431 -11.19 -10.04 -26.99
C LYS A 431 -11.58 -9.83 -25.52
N LEU A 432 -11.67 -8.55 -25.16
CA LEU A 432 -12.12 -8.15 -23.83
C LEU A 432 -13.49 -8.76 -23.53
N PRO A 433 -13.73 -9.20 -22.30
CA PRO A 433 -15.03 -9.81 -21.97
C PRO A 433 -16.16 -8.80 -21.88
N ASP A 434 -17.36 -9.28 -21.57
CA ASP A 434 -18.52 -8.40 -21.45
C ASP A 434 -18.66 -7.78 -20.06
N ASP A 435 -17.93 -8.30 -19.07
CA ASP A 435 -17.97 -7.78 -17.70
C ASP A 435 -16.53 -7.44 -17.31
N PHE A 436 -16.12 -6.21 -17.63
CA PHE A 436 -14.77 -5.74 -17.34
C PHE A 436 -14.81 -4.69 -16.24
N THR A 437 -13.78 -4.71 -15.39
CA THR A 437 -13.70 -3.82 -14.24
C THR A 437 -12.36 -3.10 -14.20
N GLY A 438 -11.95 -2.52 -15.33
CA GLY A 438 -10.71 -1.79 -15.39
C GLY A 438 -10.76 -0.70 -16.44
N CYS A 439 -9.64 -0.02 -16.62
CA CYS A 439 -9.51 1.07 -17.56
C CYS A 439 -8.75 0.62 -18.80
N VAL A 440 -8.85 1.44 -19.86
CA VAL A 440 -8.15 1.19 -21.12
C VAL A 440 -7.40 2.48 -21.46
N ILE A 441 -6.13 2.53 -21.09
CA ILE A 441 -5.29 3.70 -21.35
C ILE A 441 -4.58 3.51 -22.68
N ALA A 442 -4.63 4.53 -23.53
CA ALA A 442 -4.02 4.45 -24.85
C ALA A 442 -3.47 5.83 -25.22
N TRP A 443 -2.37 5.82 -25.99
CA TRP A 443 -1.75 7.04 -26.43
C TRP A 443 -0.86 6.75 -27.63
N ASN A 444 -0.73 7.73 -28.52
CA ASN A 444 0.10 7.57 -29.70
C ASN A 444 1.58 7.55 -29.33
N SER A 445 2.35 6.78 -30.10
CA SER A 445 3.79 6.65 -29.88
C SER A 445 4.54 6.74 -31.20
N ASN A 446 4.18 7.70 -32.04
CA ASN A 446 4.84 7.84 -33.34
C ASN A 446 6.28 8.32 -33.19
N LYS A 447 6.61 8.98 -32.07
CA LYS A 447 7.96 9.48 -31.85
C LYS A 447 8.86 8.45 -31.17
N LEU A 448 8.36 7.22 -30.96
CA LEU A 448 9.15 6.19 -30.30
C LEU A 448 9.08 4.87 -31.06
N ASP A 449 8.06 4.70 -31.89
CA ASP A 449 7.83 3.46 -32.60
C ASP A 449 8.02 3.57 -34.11
N SER A 450 7.57 4.68 -34.71
CA SER A 450 7.66 4.83 -36.16
C SER A 450 9.13 4.97 -36.58
N LYS A 451 9.45 4.33 -37.70
CA LYS A 451 10.80 4.34 -38.26
C LYS A 451 10.69 4.41 -39.77
N PRO A 452 11.73 4.90 -40.45
CA PRO A 452 11.71 4.94 -41.92
C PRO A 452 11.80 3.56 -42.57
N SER A 453 12.57 2.63 -42.00
CA SER A 453 12.70 1.31 -42.58
C SER A 453 12.23 0.22 -41.62
N GLY A 454 12.62 0.33 -40.36
CA GLY A 454 12.32 -0.70 -39.38
C GLY A 454 10.92 -0.60 -38.77
N ASN A 455 9.91 -1.02 -39.54
CA ASN A 455 8.54 -0.99 -39.06
C ASN A 455 7.85 -2.35 -39.16
N TYR A 456 8.57 -3.42 -39.50
CA TYR A 456 7.99 -4.74 -39.64
C TYR A 456 8.05 -5.57 -38.35
N ASN A 457 8.58 -4.99 -37.28
CA ASN A 457 8.65 -5.73 -36.01
C ASN A 457 7.26 -5.91 -35.41
N TYR A 458 6.38 -4.93 -35.63
CA TYR A 458 5.00 -5.03 -35.14
C TYR A 458 4.15 -5.80 -36.13
N LEU A 459 3.41 -6.78 -35.61
CA LEU A 459 2.57 -7.66 -36.42
C LEU A 459 1.16 -7.67 -35.84
N TYR A 460 0.28 -8.44 -36.50
CA TYR A 460 -1.07 -8.64 -36.00
C TYR A 460 -1.63 -9.92 -36.62
N ARG A 461 -2.51 -10.57 -35.88
CA ARG A 461 -3.12 -11.83 -36.31
C ARG A 461 -4.34 -11.52 -37.17
N LEU A 462 -4.36 -12.07 -38.38
CA LEU A 462 -5.43 -11.81 -39.34
C LEU A 462 -6.18 -13.08 -39.74
N PHE A 463 -5.48 -14.21 -39.83
CA PHE A 463 -6.08 -15.47 -40.26
C PHE A 463 -6.30 -16.35 -39.03
N ARG A 464 -7.54 -16.33 -38.52
CA ARG A 464 -7.93 -17.11 -37.36
C ARG A 464 -8.94 -18.18 -37.77
N LYS A 465 -9.14 -19.14 -36.87
CA LYS A 465 -10.10 -20.21 -37.08
C LYS A 465 -11.41 -19.95 -36.34
N SER A 466 -11.32 -19.61 -35.06
CA SER A 466 -12.49 -19.33 -34.24
C SER A 466 -12.20 -18.14 -33.33
N LYS A 467 -13.27 -17.60 -32.76
CA LYS A 467 -13.14 -16.45 -31.87
C LYS A 467 -12.44 -16.86 -30.58
N LEU A 468 -11.47 -16.05 -30.16
CA LEU A 468 -10.71 -16.35 -28.96
C LEU A 468 -11.55 -16.09 -27.71
N LYS A 469 -11.06 -16.62 -26.59
CA LYS A 469 -11.69 -16.45 -25.30
C LYS A 469 -11.16 -15.19 -24.61
N PRO A 470 -11.93 -14.63 -23.67
CA PRO A 470 -11.45 -13.45 -22.94
C PRO A 470 -10.14 -13.73 -22.20
N PHE A 471 -9.16 -12.86 -22.41
CA PHE A 471 -7.83 -12.99 -21.81
C PHE A 471 -7.19 -14.33 -22.17
N GLU A 472 -7.16 -14.63 -23.47
CA GLU A 472 -6.58 -15.86 -23.98
C GLU A 472 -5.76 -15.55 -25.23
N ARG A 473 -4.47 -15.80 -25.17
CA ARG A 473 -3.58 -15.57 -26.30
C ARG A 473 -3.50 -16.82 -27.17
N ASP A 474 -3.17 -16.61 -28.44
CA ASP A 474 -3.15 -17.70 -29.42
C ASP A 474 -1.86 -17.64 -30.24
N ILE A 475 -0.72 -17.56 -29.56
CA ILE A 475 0.58 -17.57 -30.22
C ILE A 475 0.69 -18.80 -31.10
N SER A 476 0.84 -18.59 -32.41
CA SER A 476 0.90 -19.70 -33.35
C SER A 476 1.43 -19.18 -34.68
N THR A 477 2.08 -20.06 -35.44
CA THR A 477 2.63 -19.73 -36.74
C THR A 477 2.11 -20.64 -37.84
N GLU A 478 1.11 -21.46 -37.54
CA GLU A 478 0.53 -22.36 -38.52
C GLU A 478 -0.39 -21.58 -39.46
N ILE A 479 -0.32 -21.91 -40.75
CA ILE A 479 -1.15 -21.25 -41.76
C ILE A 479 -2.54 -21.86 -41.76
N TYR A 480 -3.48 -21.19 -42.42
CA TYR A 480 -4.87 -21.63 -42.48
C TYR A 480 -5.09 -22.40 -43.78
N GLN A 481 -5.47 -23.66 -43.65
CA GLN A 481 -5.72 -24.50 -44.83
C GLN A 481 -6.94 -23.98 -45.59
N ALA A 482 -6.76 -23.75 -46.89
CA ALA A 482 -7.82 -23.17 -47.72
C ALA A 482 -8.67 -24.25 -48.38
N GLY A 483 -9.17 -25.19 -47.57
CA GLY A 483 -10.15 -26.16 -48.05
C GLY A 483 -9.62 -27.22 -48.99
N ASN A 484 -9.00 -26.80 -50.08
CA ASN A 484 -8.62 -27.73 -51.14
C ASN A 484 -7.63 -28.79 -50.64
N LYS A 485 -6.45 -28.35 -50.23
CA LYS A 485 -5.40 -29.27 -49.80
C LYS A 485 -4.86 -28.82 -48.46
N PRO A 486 -4.58 -29.74 -47.54
CA PRO A 486 -3.97 -29.35 -46.27
C PRO A 486 -2.60 -28.73 -46.44
N CYS A 487 -2.48 -27.45 -46.11
CA CYS A 487 -1.21 -26.74 -46.25
C CYS A 487 -0.27 -27.09 -45.10
N ASN A 488 0.77 -27.87 -45.41
CA ASN A 488 1.72 -28.33 -44.40
C ASN A 488 2.92 -27.39 -44.39
N GLY A 489 2.76 -26.27 -43.69
CA GLY A 489 3.84 -25.32 -43.53
C GLY A 489 4.18 -24.51 -44.77
N VAL A 490 3.38 -24.59 -45.82
CA VAL A 490 3.64 -23.86 -47.06
C VAL A 490 2.33 -23.20 -47.48
N ALA A 491 2.40 -21.94 -47.90
CA ALA A 491 1.22 -21.21 -48.35
C ALA A 491 0.81 -21.68 -49.74
N GLY A 492 1.69 -21.48 -50.72
CA GLY A 492 1.43 -21.93 -52.07
C GLY A 492 0.29 -21.21 -52.78
N SER A 493 -0.65 -21.98 -53.32
CA SER A 493 -1.71 -21.44 -54.16
C SER A 493 -2.64 -20.50 -53.41
N ASN A 494 -3.35 -21.01 -52.39
CA ASN A 494 -4.41 -20.25 -51.75
C ASN A 494 -4.21 -19.99 -50.26
N CYS A 495 -3.26 -20.67 -49.61
CA CYS A 495 -3.02 -20.45 -48.20
C CYS A 495 -2.19 -19.17 -47.99
N TYR A 496 -2.25 -18.65 -46.77
CA TYR A 496 -1.54 -17.43 -46.42
C TYR A 496 -0.93 -17.58 -45.03
N SER A 497 0.30 -17.07 -44.88
CA SER A 497 0.96 -17.14 -43.59
C SER A 497 0.34 -16.13 -42.63
N PRO A 498 0.15 -16.51 -41.36
CA PRO A 498 -0.44 -15.57 -40.39
C PRO A 498 0.55 -14.51 -39.93
N LEU A 499 0.13 -13.70 -38.95
CA LEU A 499 0.96 -12.64 -38.39
C LEU A 499 1.41 -11.65 -39.46
N GLN A 500 0.45 -10.96 -40.08
CA GLN A 500 0.73 -9.95 -41.07
C GLN A 500 1.30 -8.69 -40.41
N SER A 501 2.07 -7.94 -41.19
CA SER A 501 2.73 -6.74 -40.69
C SER A 501 1.76 -5.57 -40.65
N TYR A 502 2.03 -4.63 -39.75
CA TYR A 502 1.22 -3.43 -39.59
C TYR A 502 1.72 -2.24 -40.41
N GLY A 503 3.04 -2.04 -40.48
CA GLY A 503 3.58 -0.93 -41.22
C GLY A 503 3.31 0.41 -40.56
N PHE A 504 3.86 0.62 -39.37
CA PHE A 504 3.67 1.86 -38.62
C PHE A 504 4.75 2.87 -39.02
N ARG A 505 4.58 3.42 -40.22
CA ARG A 505 5.53 4.39 -40.76
C ARG A 505 5.06 5.80 -40.42
N PRO A 506 5.98 6.76 -40.27
CA PRO A 506 5.56 8.12 -39.95
C PRO A 506 5.14 8.92 -41.17
N THR A 507 4.31 8.32 -42.02
CA THR A 507 3.83 9.00 -43.23
C THR A 507 2.34 8.75 -43.43
N TYR A 508 1.60 8.56 -42.33
CA TYR A 508 0.18 8.30 -42.37
C TYR A 508 -0.58 9.42 -41.67
N GLY A 509 -1.89 9.22 -41.50
CA GLY A 509 -2.72 10.23 -40.88
C GLY A 509 -2.82 10.08 -39.38
N VAL A 510 -4.03 9.83 -38.88
CA VAL A 510 -4.24 9.67 -37.43
C VAL A 510 -4.82 8.28 -37.17
N GLY A 511 -5.12 7.55 -38.24
CA GLY A 511 -5.68 6.22 -38.12
C GLY A 511 -4.65 5.12 -38.23
N HIS A 512 -3.73 5.27 -39.17
CA HIS A 512 -2.66 4.29 -39.39
C HIS A 512 -1.40 4.66 -38.62
N GLN A 513 -1.53 4.83 -37.31
CA GLN A 513 -0.42 5.18 -36.44
C GLN A 513 -0.40 4.24 -35.25
N PRO A 514 0.79 3.94 -34.72
CA PRO A 514 0.85 3.06 -33.55
C PRO A 514 0.32 3.76 -32.30
N TYR A 515 -0.42 2.99 -31.50
CA TYR A 515 -0.99 3.51 -30.25
C TYR A 515 -0.74 2.49 -29.16
N ARG A 516 0.13 2.81 -28.21
CA ARG A 516 0.43 1.91 -27.10
C ARG A 516 -0.76 1.90 -26.14
N VAL A 517 -1.35 0.72 -25.96
CA VAL A 517 -2.54 0.55 -25.12
C VAL A 517 -2.16 -0.27 -23.90
N VAL A 518 -2.51 0.23 -22.72
CA VAL A 518 -2.27 -0.44 -21.46
C VAL A 518 -3.63 -0.72 -20.83
N VAL A 519 -4.08 -1.97 -20.90
CA VAL A 519 -5.39 -2.37 -20.41
C VAL A 519 -5.20 -2.90 -18.98
N LEU A 520 -5.49 -2.05 -18.00
CA LEU A 520 -5.41 -2.46 -16.60
C LEU A 520 -6.70 -3.19 -16.24
N SER A 521 -6.57 -4.40 -15.70
CA SER A 521 -7.71 -5.23 -15.32
C SER A 521 -7.65 -5.48 -13.82
N PHE A 522 -8.68 -5.05 -13.11
CA PHE A 522 -8.76 -5.23 -11.66
C PHE A 522 -9.60 -6.47 -11.35
N GLU A 523 -9.16 -7.21 -10.33
CA GLU A 523 -9.79 -8.46 -9.94
C GLU A 523 -10.27 -8.35 -8.50
N LEU A 524 -11.48 -8.83 -8.23
CA LEU A 524 -12.10 -8.78 -6.91
C LEU A 524 -12.59 -10.18 -6.54
N LEU A 525 -11.76 -10.93 -5.83
CA LEU A 525 -12.12 -12.25 -5.34
C LEU A 525 -12.03 -12.27 -3.82
N HIS A 526 -12.61 -13.31 -3.22
CA HIS A 526 -12.58 -13.46 -1.77
C HIS A 526 -11.19 -13.86 -1.31
N ALA A 527 -10.35 -12.89 -0.97
CA ALA A 527 -8.98 -13.12 -0.55
C ALA A 527 -8.45 -11.84 0.08
N PRO A 528 -7.44 -11.93 0.93
CA PRO A 528 -6.83 -10.73 1.50
C PRO A 528 -6.31 -9.81 0.40
N ALA A 529 -6.76 -8.56 0.44
CA ALA A 529 -6.38 -7.59 -0.58
C ALA A 529 -4.89 -7.28 -0.50
N THR A 530 -4.29 -7.04 -1.67
CA THR A 530 -2.86 -6.75 -1.76
C THR A 530 -2.54 -5.44 -2.47
N VAL A 531 -3.48 -4.85 -3.21
CA VAL A 531 -3.25 -3.61 -3.94
C VAL A 531 -4.30 -2.61 -3.49
N CYS A 532 -3.91 -1.67 -2.64
CA CYS A 532 -4.80 -0.65 -2.11
C CYS A 532 -4.34 0.73 -2.56
N GLY A 533 -5.18 1.73 -2.28
CA GLY A 533 -4.86 3.10 -2.62
C GLY A 533 -4.01 3.77 -1.57
N PRO A 534 -3.66 5.03 -1.84
CA PRO A 534 -2.81 5.81 -0.92
C PRO A 534 -3.59 6.43 0.23
N LYS A 535 -4.21 5.58 1.05
CA LYS A 535 -4.96 6.02 2.21
C LYS A 535 -4.25 5.54 3.48
N LYS A 536 -4.08 6.44 4.44
CA LYS A 536 -3.44 6.09 5.69
C LYS A 536 -4.35 5.19 6.54
N SER A 537 -3.76 4.59 7.55
CA SER A 537 -4.48 3.70 8.46
C SER A 537 -4.72 4.41 9.79
N THR A 538 -5.98 4.48 10.19
CA THR A 538 -6.36 5.13 11.44
C THR A 538 -6.35 4.10 12.57
N ASN A 539 -6.86 4.48 13.73
CA ASN A 539 -6.96 3.59 14.87
C ASN A 539 -8.32 2.90 14.89
N LEU A 540 -8.49 1.96 15.81
CA LEU A 540 -9.72 1.20 15.95
C LEU A 540 -10.54 1.76 17.11
N VAL A 541 -11.78 2.15 16.83
CA VAL A 541 -12.70 2.65 17.85
C VAL A 541 -13.92 1.74 17.79
N LYS A 542 -14.04 0.85 18.77
CA LYS A 542 -15.11 -0.15 18.75
C LYS A 542 -16.44 0.46 19.18
N ASN A 543 -16.51 0.96 20.42
CA ASN A 543 -17.77 1.44 21.00
C ASN A 543 -18.06 2.86 20.52
N LYS A 544 -18.35 2.97 19.22
CA LYS A 544 -18.70 4.23 18.59
C LYS A 544 -19.24 3.94 17.20
N CYS A 545 -20.16 4.79 16.76
CA CYS A 545 -20.80 4.63 15.45
C CYS A 545 -20.02 5.33 14.35
N VAL A 546 -18.72 5.01 14.24
CA VAL A 546 -17.85 5.60 13.25
C VAL A 546 -18.19 5.08 11.87
N ASN A 547 -17.66 5.75 10.84
CA ASN A 547 -17.88 5.32 9.46
C ASN A 547 -17.01 4.11 9.14
N PHE A 548 -17.62 3.13 8.48
CA PHE A 548 -16.94 1.88 8.14
C PHE A 548 -16.35 1.97 6.74
N ASN A 549 -15.02 1.91 6.65
CA ASN A 549 -14.34 1.96 5.36
C ASN A 549 -13.21 0.95 5.32
N PHE A 550 -13.46 -0.28 5.78
CA PHE A 550 -12.43 -1.31 5.86
C PHE A 550 -12.33 -2.04 4.52
N ASN A 551 -11.16 -1.94 3.89
CA ASN A 551 -10.83 -2.73 2.69
C ASN A 551 -11.80 -2.46 1.55
N GLY A 552 -12.39 -1.26 1.52
CA GLY A 552 -13.29 -0.85 0.46
C GLY A 552 -14.76 -0.91 0.85
N LEU A 553 -15.12 -1.76 1.81
CA LEU A 553 -16.50 -1.88 2.24
C LEU A 553 -16.95 -0.59 2.92
N THR A 554 -18.13 -0.10 2.53
CA THR A 554 -18.66 1.15 3.06
C THR A 554 -19.87 0.83 3.94
N GLY A 555 -19.77 1.17 5.22
CA GLY A 555 -20.86 0.95 6.16
C GLY A 555 -21.02 2.07 7.15
N THR A 556 -22.18 2.11 7.82
CA THR A 556 -22.46 3.16 8.80
C THR A 556 -23.12 2.57 10.04
N GLY A 557 -22.58 1.46 10.55
CA GLY A 557 -23.15 0.79 11.71
C GLY A 557 -22.17 0.73 12.85
N VAL A 558 -22.62 0.08 13.93
CA VAL A 558 -21.79 -0.09 15.12
C VAL A 558 -20.77 -1.21 14.84
N LEU A 559 -19.49 -0.85 14.88
CA LEU A 559 -18.42 -1.81 14.61
C LEU A 559 -17.79 -2.20 15.94
N THR A 560 -18.28 -3.29 16.52
CA THR A 560 -17.83 -3.77 17.81
C THR A 560 -17.37 -5.22 17.72
N GLU A 561 -16.86 -5.72 18.85
CA GLU A 561 -16.39 -7.10 18.91
C GLU A 561 -17.57 -8.07 18.97
N SER A 562 -17.44 -9.18 18.24
CA SER A 562 -18.44 -10.22 18.21
C SER A 562 -17.77 -11.59 18.33
N ASN A 563 -18.55 -12.65 18.16
CA ASN A 563 -18.07 -14.02 18.29
C ASN A 563 -18.62 -14.88 17.16
N LYS A 564 -18.61 -14.36 15.94
CA LYS A 564 -19.09 -15.11 14.79
C LYS A 564 -18.07 -16.17 14.37
N LYS A 565 -18.49 -17.03 13.45
CA LYS A 565 -17.66 -18.13 12.94
C LYS A 565 -17.26 -17.81 11.50
N PHE A 566 -15.98 -17.54 11.29
CA PHE A 566 -15.45 -17.19 9.98
C PHE A 566 -14.36 -18.18 9.59
N LEU A 567 -14.24 -18.43 8.28
CA LEU A 567 -13.15 -19.23 7.76
C LEU A 567 -11.83 -18.48 7.99
N PRO A 568 -10.69 -19.19 8.07
CA PRO A 568 -9.42 -18.50 8.35
C PRO A 568 -9.07 -17.43 7.34
N PHE A 569 -8.93 -17.82 6.07
CA PHE A 569 -8.65 -16.85 5.02
C PHE A 569 -9.91 -16.46 4.26
N GLN A 570 -10.85 -15.81 4.94
CA GLN A 570 -12.08 -15.34 4.34
C GLN A 570 -12.42 -13.97 4.88
N GLN A 571 -12.67 -13.02 3.99
CA GLN A 571 -13.00 -11.65 4.36
C GLN A 571 -14.34 -11.25 3.75
N PHE A 572 -14.81 -10.07 4.13
CA PHE A 572 -16.09 -9.52 3.66
C PHE A 572 -17.23 -10.48 3.94
N GLY A 573 -17.48 -10.77 5.21
CA GLY A 573 -18.58 -11.65 5.56
C GLY A 573 -19.93 -11.01 5.31
N ARG A 574 -20.93 -11.87 5.09
CA ARG A 574 -22.28 -11.41 4.78
C ARG A 574 -23.25 -12.08 5.76
N ASP A 575 -24.53 -11.75 5.60
CA ASP A 575 -25.58 -12.27 6.46
C ASP A 575 -26.63 -12.92 5.57
N ILE A 576 -27.79 -13.25 6.17
CA ILE A 576 -28.89 -13.84 5.40
C ILE A 576 -29.35 -12.88 4.33
N ALA A 577 -29.18 -11.58 4.55
CA ALA A 577 -29.49 -10.56 3.57
C ALA A 577 -28.21 -10.08 2.88
N ASP A 578 -28.38 -9.22 1.89
CA ASP A 578 -27.25 -8.67 1.14
C ASP A 578 -26.47 -7.62 1.92
N THR A 579 -26.98 -7.20 3.09
CA THR A 579 -26.29 -6.20 3.89
C THR A 579 -25.08 -6.81 4.59
N THR A 580 -23.93 -6.14 4.48
CA THR A 580 -22.71 -6.62 5.11
C THR A 580 -22.82 -6.57 6.62
N ASP A 581 -22.63 -7.72 7.28
CA ASP A 581 -22.79 -7.78 8.73
C ASP A 581 -21.47 -7.75 9.48
N ALA A 582 -20.38 -8.23 8.87
CA ALA A 582 -19.11 -8.31 9.56
C ALA A 582 -17.98 -8.37 8.54
N VAL A 583 -16.90 -7.67 8.82
CA VAL A 583 -15.70 -7.67 7.99
C VAL A 583 -14.48 -7.74 8.89
N ARG A 584 -13.57 -8.66 8.59
CA ARG A 584 -12.34 -8.79 9.36
C ARG A 584 -11.42 -7.60 9.11
N ASP A 585 -10.75 -7.14 10.16
CA ASP A 585 -9.81 -6.04 10.04
C ASP A 585 -8.66 -6.44 9.12
N PRO A 586 -8.18 -5.55 8.26
CA PRO A 586 -7.14 -5.93 7.29
C PRO A 586 -5.77 -6.15 7.90
N GLN A 587 -5.44 -5.51 9.01
CA GLN A 587 -4.11 -5.66 9.61
C GLN A 587 -4.11 -6.78 10.65
N THR A 588 -4.92 -6.61 11.69
CA THR A 588 -5.01 -7.62 12.77
C THR A 588 -6.34 -8.36 12.63
N LEU A 589 -6.31 -9.64 12.24
CA LEU A 589 -7.56 -10.42 12.04
C LEU A 589 -8.51 -10.25 13.24
N GLU A 590 -9.77 -9.93 12.98
CA GLU A 590 -10.72 -9.66 14.11
C GLU A 590 -12.16 -9.90 13.65
N ILE A 591 -12.90 -10.77 14.36
CA ILE A 591 -14.32 -11.04 14.03
C ILE A 591 -15.17 -9.87 14.54
N LEU A 592 -15.26 -8.78 13.76
CA LEU A 592 -15.99 -7.62 14.22
C LEU A 592 -17.25 -7.46 13.38
N ASP A 593 -18.40 -7.44 14.04
CA ASP A 593 -19.68 -7.34 13.33
C ASP A 593 -20.12 -5.88 13.23
N ILE A 594 -21.01 -5.63 12.27
CA ILE A 594 -21.51 -4.29 11.98
C ILE A 594 -23.00 -4.29 12.29
N THR A 595 -23.37 -3.87 13.50
CA THR A 595 -24.77 -3.72 13.81
C THR A 595 -25.25 -2.31 13.50
N PRO A 596 -26.50 -2.13 13.07
CA PRO A 596 -26.95 -0.80 12.69
C PRO A 596 -27.05 0.14 13.87
N CYS A 597 -26.72 1.42 13.61
CA CYS A 597 -26.79 2.43 14.65
C CYS A 597 -28.22 2.90 14.90
N SER A 598 -29.09 2.78 13.91
CA SER A 598 -30.50 3.10 14.05
C SER A 598 -31.33 1.82 14.13
N PHE A 599 -32.55 1.97 14.65
CA PHE A 599 -33.47 0.83 14.73
C PHE A 599 -33.98 0.43 13.35
N GLY A 600 -33.81 1.26 12.34
CA GLY A 600 -34.27 0.95 10.99
C GLY A 600 -35.75 1.09 10.76
N GLY A 601 -36.56 0.41 11.55
CA GLY A 601 -38.01 0.49 11.42
C GLY A 601 -38.61 1.61 12.25
N VAL A 602 -38.17 2.84 12.00
CA VAL A 602 -38.68 4.01 12.71
C VAL A 602 -39.35 4.89 11.67
N SER A 603 -40.67 4.78 11.55
CA SER A 603 -41.42 5.56 10.58
C SER A 603 -41.72 6.95 11.16
N VAL A 604 -42.10 7.86 10.27
CA VAL A 604 -42.41 9.25 10.63
C VAL A 604 -43.72 9.62 9.99
N ILE A 605 -44.70 10.00 10.81
CA ILE A 605 -46.03 10.38 10.34
C ILE A 605 -46.01 11.90 10.13
N THR A 606 -45.93 12.32 8.86
CA THR A 606 -45.90 13.74 8.54
C THR A 606 -47.25 14.20 8.02
N PRO A 607 -47.89 15.16 8.67
CA PRO A 607 -49.17 15.71 8.17
C PRO A 607 -49.02 16.80 7.12
N GLY A 608 -47.81 17.20 6.79
CA GLY A 608 -47.59 18.28 5.84
C GLY A 608 -47.02 19.50 6.53
N THR A 609 -46.05 20.14 5.86
CA THR A 609 -45.41 21.33 6.43
C THR A 609 -46.31 22.56 6.39
N ASN A 610 -47.49 22.47 5.76
CA ASN A 610 -48.42 23.59 5.67
C ASN A 610 -49.63 23.43 6.55
N THR A 611 -49.72 22.34 7.32
CA THR A 611 -50.88 22.09 8.18
C THR A 611 -50.52 22.16 9.67
N SER A 612 -49.54 21.38 10.10
CA SER A 612 -49.14 21.36 11.51
C SER A 612 -47.71 20.84 11.60
N ASN A 613 -47.21 20.74 12.83
CA ASN A 613 -45.86 20.27 13.10
C ASN A 613 -45.87 19.21 14.19
N GLN A 614 -46.81 18.28 14.12
CA GLN A 614 -46.94 17.18 15.07
C GLN A 614 -46.69 15.87 14.36
N VAL A 615 -45.87 15.01 14.96
CA VAL A 615 -45.48 13.74 14.37
C VAL A 615 -45.59 12.65 15.43
N ALA A 616 -46.26 11.55 15.09
CA ALA A 616 -46.30 10.37 15.92
C ALA A 616 -45.28 9.36 15.42
N VAL A 617 -44.35 8.98 16.28
CA VAL A 617 -43.25 8.10 15.89
C VAL A 617 -43.75 6.66 15.89
N LEU A 618 -43.48 5.94 14.80
CA LEU A 618 -43.86 4.55 14.63
C LEU A 618 -42.62 3.68 14.70
N TYR A 619 -42.69 2.62 15.50
CA TYR A 619 -41.61 1.64 15.62
C TYR A 619 -42.08 0.32 15.03
N GLN A 620 -41.30 -0.21 14.09
CA GLN A 620 -41.68 -1.43 13.37
C GLN A 620 -41.15 -2.65 14.11
N GLY A 621 -41.97 -3.17 15.02
CA GLY A 621 -41.66 -4.40 15.72
C GLY A 621 -40.37 -4.35 16.53
N VAL A 622 -40.36 -3.54 17.58
CA VAL A 622 -39.18 -3.39 18.43
C VAL A 622 -39.64 -3.36 19.89
N ASN A 623 -38.69 -3.53 20.80
CA ASN A 623 -38.97 -3.53 22.23
C ASN A 623 -39.12 -2.09 22.72
N CYS A 624 -39.14 -1.91 24.04
CA CYS A 624 -39.27 -0.59 24.63
C CYS A 624 -38.19 0.35 24.09
N THR A 625 -38.55 1.63 23.96
CA THR A 625 -37.68 2.60 23.32
C THR A 625 -36.38 2.76 24.10
N GLU A 626 -35.25 2.58 23.39
CA GLU A 626 -33.93 2.72 23.98
C GLU A 626 -33.17 3.90 23.40
N VAL A 627 -32.97 3.92 22.09
CA VAL A 627 -32.21 4.96 21.39
C VAL A 627 -30.84 5.12 22.03
N PRO A 628 -29.90 4.20 21.78
CA PRO A 628 -28.60 4.27 22.47
C PRO A 628 -27.87 5.59 22.28
N VAL A 629 -28.05 6.25 21.13
CA VAL A 629 -27.39 7.53 20.89
C VAL A 629 -28.06 8.63 21.68
N ALA A 630 -29.34 8.88 21.40
CA ALA A 630 -30.10 9.93 22.09
C ALA A 630 -30.95 9.28 23.18
N ILE A 631 -30.29 8.91 24.27
CA ILE A 631 -30.98 8.29 25.39
C ILE A 631 -31.80 9.31 26.17
N HIS A 632 -31.28 10.53 26.27
CA HIS A 632 -31.95 11.60 27.03
C HIS A 632 -31.86 12.91 26.25
N ALA A 633 -32.25 12.86 24.98
CA ALA A 633 -32.18 14.04 24.12
C ALA A 633 -33.22 15.07 24.56
N ASP A 634 -33.21 16.22 23.89
CA ASP A 634 -34.13 17.30 24.23
C ASP A 634 -35.56 16.94 23.82
N GLN A 635 -35.77 16.64 22.55
CA GLN A 635 -37.09 16.27 22.02
C GLN A 635 -37.17 14.74 21.98
N LEU A 636 -37.81 14.16 22.99
CA LEU A 636 -37.97 12.71 23.11
C LEU A 636 -39.46 12.40 23.13
N THR A 637 -39.94 11.73 22.09
CA THR A 637 -41.37 11.43 21.99
C THR A 637 -41.85 10.41 23.02
N PRO A 638 -41.10 9.34 23.38
CA PRO A 638 -41.60 8.43 24.42
C PRO A 638 -41.57 9.05 25.81
N THR A 639 -41.93 8.24 26.82
CA THR A 639 -41.99 8.69 28.21
C THR A 639 -42.97 9.85 28.37
N TRP A 640 -44.09 9.77 27.65
CA TRP A 640 -45.16 10.77 27.69
C TRP A 640 -46.49 10.10 28.01
N ARG A 641 -46.48 9.26 29.04
CA ARG A 641 -47.68 8.52 29.42
C ARG A 641 -48.78 9.46 29.90
N VAL A 642 -48.49 10.27 30.92
CA VAL A 642 -49.45 11.21 31.48
C VAL A 642 -49.32 12.50 30.68
N TYR A 643 -50.11 12.61 29.61
CA TYR A 643 -50.09 13.78 28.75
C TYR A 643 -51.43 13.89 28.04
N SER A 644 -51.94 15.11 27.95
CA SER A 644 -53.25 15.38 27.37
C SER A 644 -53.11 15.91 25.95
N THR A 645 -54.22 15.87 25.22
CA THR A 645 -54.29 16.33 23.82
C THR A 645 -53.26 15.61 22.96
N GLY A 646 -53.41 14.28 22.89
CA GLY A 646 -52.52 13.47 22.08
C GLY A 646 -51.19 13.21 22.76
N SER A 647 -50.26 12.71 21.95
CA SER A 647 -48.90 12.39 22.39
C SER A 647 -48.90 11.39 23.54
N ASN A 648 -49.44 10.21 23.25
CA ASN A 648 -49.51 9.11 24.20
C ASN A 648 -48.81 7.89 23.62
N VAL A 649 -48.54 6.92 24.49
CA VAL A 649 -47.82 5.70 24.13
C VAL A 649 -48.81 4.54 24.09
N PHE A 650 -48.73 3.74 23.03
CA PHE A 650 -49.58 2.57 22.88
C PHE A 650 -48.77 1.45 22.23
N GLN A 651 -49.19 0.21 22.49
CA GLN A 651 -48.55 -0.97 21.94
C GLN A 651 -49.41 -1.56 20.84
N THR A 652 -48.78 -1.90 19.72
CA THR A 652 -49.47 -2.46 18.57
C THR A 652 -48.84 -3.79 18.19
N ARG A 653 -49.47 -4.48 17.24
CA ARG A 653 -48.93 -5.73 16.72
C ARG A 653 -47.69 -5.51 15.86
N ALA A 654 -47.55 -4.32 15.28
CA ALA A 654 -46.39 -3.98 14.47
C ALA A 654 -45.36 -3.16 15.23
N GLY A 655 -45.49 -3.06 16.56
CA GLY A 655 -44.57 -2.30 17.35
C GLY A 655 -45.25 -1.39 18.36
N CYS A 656 -44.68 -0.22 18.60
CA CYS A 656 -45.23 0.75 19.55
C CYS A 656 -45.66 2.01 18.82
N LEU A 657 -46.81 2.55 19.22
CA LEU A 657 -47.36 3.77 18.64
C LEU A 657 -47.26 4.87 19.69
N ILE A 658 -46.38 5.84 19.46
CA ILE A 658 -46.13 6.93 20.39
C ILE A 658 -46.39 8.24 19.66
N GLY A 659 -47.34 9.03 20.18
CA GLY A 659 -47.62 10.33 19.61
C GLY A 659 -49.05 10.50 19.14
N ALA A 660 -49.94 9.61 19.54
CA ALA A 660 -51.33 9.67 19.13
C ALA A 660 -52.20 9.05 20.21
N GLU A 661 -53.50 8.93 19.93
CA GLU A 661 -54.45 8.33 20.85
C GLU A 661 -55.31 7.32 20.09
N TYR A 662 -56.06 6.53 20.85
CA TYR A 662 -56.92 5.50 20.29
C TYR A 662 -58.37 5.79 20.65
N VAL A 663 -59.23 5.79 19.62
CA VAL A 663 -60.67 5.97 19.78
C VAL A 663 -61.37 4.83 19.05
N ASN A 664 -62.51 4.40 19.59
CA ASN A 664 -63.25 3.27 19.04
C ASN A 664 -64.00 3.61 17.76
N ASN A 665 -63.77 4.78 17.18
CA ASN A 665 -64.41 5.16 15.93
C ASN A 665 -63.62 4.62 14.74
N SER A 666 -64.08 4.95 13.53
CA SER A 666 -63.43 4.48 12.32
C SER A 666 -63.56 5.55 11.24
N TYR A 667 -62.54 5.63 10.39
CA TYR A 667 -62.50 6.59 9.29
C TYR A 667 -61.81 5.94 8.10
N GLU A 668 -61.58 6.72 7.05
CA GLU A 668 -60.98 6.23 5.83
C GLU A 668 -59.46 6.06 6.01
N CYS A 669 -58.79 5.68 4.92
CA CYS A 669 -57.35 5.46 4.92
C CYS A 669 -56.65 6.80 4.66
N ASP A 670 -56.55 7.60 5.72
CA ASP A 670 -55.84 8.88 5.62
C ASP A 670 -54.33 8.65 5.62
N ILE A 671 -53.81 8.06 6.69
CA ILE A 671 -52.39 7.73 6.78
C ILE A 671 -52.27 6.29 7.29
N PRO A 672 -51.86 5.35 6.44
CA PRO A 672 -51.79 3.94 6.87
C PRO A 672 -50.63 3.70 7.82
N ILE A 673 -50.94 3.14 8.98
CA ILE A 673 -49.90 2.79 9.95
C ILE A 673 -49.45 1.35 9.74
N GLY A 674 -50.39 0.42 9.69
CA GLY A 674 -50.09 -0.98 9.50
C GLY A 674 -50.90 -1.86 10.44
N ALA A 675 -51.02 -3.14 10.09
CA ALA A 675 -51.74 -4.13 10.87
C ALA A 675 -53.19 -3.71 11.10
N GLY A 676 -53.83 -3.21 10.05
CA GLY A 676 -55.21 -2.78 10.12
C GLY A 676 -55.44 -1.47 10.84
N ILE A 677 -54.38 -0.81 11.30
CA ILE A 677 -54.49 0.47 12.00
C ILE A 677 -53.98 1.57 11.08
N CYS A 678 -54.65 2.72 11.11
CA CYS A 678 -54.28 3.86 10.29
C CYS A 678 -54.29 5.12 11.14
N ALA A 679 -53.72 6.20 10.59
CA ALA A 679 -53.65 7.48 11.26
C ALA A 679 -54.47 8.52 10.50
N SER A 680 -54.97 9.51 11.25
CA SER A 680 -55.76 10.58 10.66
C SER A 680 -55.55 11.84 11.48
N TYR A 681 -55.35 12.97 10.80
CA TYR A 681 -55.14 14.26 11.45
C TYR A 681 -56.45 15.03 11.45
N GLN A 682 -57.28 14.73 12.46
CA GLN A 682 -58.53 15.42 12.68
C GLN A 682 -58.45 16.21 13.99
N THR A 683 -59.38 17.15 14.15
CA THR A 683 -59.41 17.97 15.36
C THR A 683 -59.66 17.12 16.59
N GLN A 684 -60.83 16.50 16.68
CA GLN A 684 -61.20 15.62 17.78
C GLN A 684 -62.55 15.00 17.42
N THR A 685 -63.02 14.11 18.30
CA THR A 685 -64.32 13.48 18.13
C THR A 685 -65.47 14.36 18.60
N LYS A 686 -65.17 15.50 19.23
CA LYS A 686 -66.19 16.44 19.71
C LYS A 686 -65.78 17.84 19.27
N SER A 687 -66.33 18.28 18.14
CA SER A 687 -66.00 19.59 17.59
C SER A 687 -67.25 20.17 16.95
N HIS A 688 -67.87 21.15 17.62
CA HIS A 688 -69.07 21.81 17.13
C HIS A 688 -68.72 23.24 16.77
N ARG A 689 -69.00 23.62 15.52
CA ARG A 689 -68.70 24.97 15.06
C ARG A 689 -69.66 26.00 15.63
N ARG A 690 -70.79 25.57 16.19
CA ARG A 690 -71.77 26.48 16.77
C ARG A 690 -71.69 26.55 18.29
N ALA A 691 -70.70 25.90 18.90
CA ALA A 691 -70.52 25.89 20.34
C ALA A 691 -69.28 26.68 20.72
N ARG A 692 -69.17 26.97 22.01
CA ARG A 692 -68.03 27.72 22.55
C ARG A 692 -66.85 26.84 22.90
N SER A 693 -66.93 25.54 22.63
CA SER A 693 -65.85 24.60 22.95
C SER A 693 -65.07 24.30 21.67
N VAL A 694 -63.86 24.83 21.57
CA VAL A 694 -62.98 24.62 20.42
C VAL A 694 -61.90 23.64 20.82
N ALA A 695 -61.74 22.58 20.04
CA ALA A 695 -60.78 21.55 20.33
C ALA A 695 -59.46 21.82 19.60
N SER A 696 -58.43 21.07 19.99
CA SER A 696 -57.11 21.18 19.37
C SER A 696 -57.07 20.34 18.10
N GLN A 697 -55.88 20.16 17.53
CA GLN A 697 -55.68 19.38 16.32
C GLN A 697 -54.62 18.31 16.55
N SER A 698 -54.75 17.60 17.66
CA SER A 698 -53.78 16.56 18.02
C SER A 698 -53.91 15.36 17.08
N ILE A 699 -52.99 14.42 17.24
CA ILE A 699 -52.94 13.21 16.42
C ILE A 699 -53.82 12.14 17.07
N ILE A 700 -54.74 11.59 16.29
CA ILE A 700 -55.65 10.55 16.77
C ILE A 700 -55.60 9.39 15.78
N ALA A 701 -55.54 8.17 16.32
CA ALA A 701 -55.48 6.95 15.52
C ALA A 701 -56.79 6.19 15.69
N TYR A 702 -57.33 5.69 14.58
CA TYR A 702 -58.57 4.93 14.57
C TYR A 702 -58.32 3.55 13.96
N THR A 703 -59.33 2.68 14.09
CA THR A 703 -59.28 1.35 13.51
C THR A 703 -59.99 1.35 12.16
N MET A 704 -59.59 0.39 11.32
CA MET A 704 -60.15 0.29 9.97
C MET A 704 -61.47 -0.46 9.99
N SER A 705 -62.44 0.05 9.23
CA SER A 705 -63.74 -0.57 9.07
C SER A 705 -63.99 -0.90 7.60
N LEU A 706 -64.85 -1.88 7.37
CA LEU A 706 -65.21 -2.31 6.02
C LEU A 706 -66.56 -1.80 5.57
N GLY A 707 -67.18 -0.92 6.36
CA GLY A 707 -68.49 -0.37 6.01
C GLY A 707 -68.58 1.12 6.25
N ASP B 1 2.95 -36.16 -18.16
CA ASP B 1 4.26 -35.60 -17.87
C ASP B 1 4.99 -35.18 -19.14
N ILE B 2 5.33 -33.90 -19.24
CA ILE B 2 6.02 -33.36 -20.41
C ILE B 2 7.51 -33.32 -20.13
N GLN B 3 8.30 -33.88 -21.04
CA GLN B 3 9.76 -33.92 -20.90
C GLN B 3 10.35 -32.82 -21.78
N MET B 4 10.84 -31.76 -21.14
CA MET B 4 11.48 -30.67 -21.86
C MET B 4 12.90 -31.07 -22.26
N THR B 5 13.22 -30.85 -23.53
CA THR B 5 14.54 -31.20 -24.06
C THR B 5 15.13 -29.97 -24.73
N GLN B 6 16.39 -29.67 -24.41
CA GLN B 6 17.11 -28.55 -24.99
C GLN B 6 18.23 -29.08 -25.87
N SER B 7 18.25 -28.65 -27.14
CA SER B 7 19.23 -29.19 -28.08
C SER B 7 20.64 -28.67 -27.81
N PRO B 8 20.90 -27.35 -27.80
CA PRO B 8 22.28 -26.88 -27.62
C PRO B 8 22.67 -26.91 -26.14
N SER B 9 23.58 -27.83 -25.80
CA SER B 9 23.99 -27.98 -24.41
C SER B 9 25.04 -26.96 -24.00
N SER B 10 25.82 -26.44 -24.97
CA SER B 10 26.87 -25.47 -24.68
C SER B 10 27.08 -24.61 -25.92
N VAL B 11 26.70 -23.35 -25.84
CA VAL B 11 26.83 -22.41 -26.94
C VAL B 11 27.99 -21.49 -26.60
N SER B 12 29.17 -21.80 -27.15
CA SER B 12 30.36 -20.99 -26.94
C SER B 12 30.46 -19.96 -28.05
N ALA B 13 30.63 -18.69 -27.68
CA ALA B 13 30.73 -17.60 -28.64
C ALA B 13 31.51 -16.46 -28.01
N SER B 14 31.59 -15.34 -28.71
CA SER B 14 32.30 -14.16 -28.26
C SER B 14 31.31 -13.02 -28.00
N VAL B 15 31.84 -11.92 -27.47
CA VAL B 15 31.00 -10.76 -27.16
C VAL B 15 30.48 -10.15 -28.46
N GLY B 16 29.17 -10.04 -28.56
CA GLY B 16 28.52 -9.47 -29.73
C GLY B 16 27.77 -10.47 -30.59
N ASP B 17 27.97 -11.77 -30.39
CA ASP B 17 27.28 -12.77 -31.17
C ASP B 17 25.85 -12.96 -30.64
N ARG B 18 25.09 -13.77 -31.36
CA ARG B 18 23.70 -14.07 -31.00
C ARG B 18 23.60 -15.55 -30.66
N VAL B 19 23.09 -15.85 -29.47
CA VAL B 19 22.88 -17.23 -29.02
C VAL B 19 21.42 -17.59 -29.21
N THR B 20 21.18 -18.74 -29.84
CA THR B 20 19.83 -19.24 -30.11
C THR B 20 19.68 -20.59 -29.42
N ILE B 21 19.07 -20.58 -28.23
CA ILE B 21 18.83 -21.80 -27.47
C ILE B 21 17.43 -22.30 -27.78
N THR B 22 17.32 -23.57 -28.17
CA THR B 22 16.05 -24.18 -28.53
C THR B 22 15.54 -25.05 -27.39
N CYS B 23 14.22 -25.19 -27.32
CA CYS B 23 13.57 -25.99 -26.28
C CYS B 23 12.36 -26.67 -26.89
N ARG B 24 12.44 -27.98 -27.08
CA ARG B 24 11.34 -28.78 -27.61
C ARG B 24 10.71 -29.59 -26.49
N ALA B 25 9.49 -30.06 -26.77
CA ALA B 25 8.72 -30.84 -25.80
C ALA B 25 7.97 -31.93 -26.54
N SER B 26 7.31 -32.82 -25.78
CA SER B 26 6.51 -33.88 -26.34
C SER B 26 5.08 -33.41 -26.62
N GLN B 27 4.39 -32.94 -25.59
CA GLN B 27 3.07 -32.37 -25.75
C GLN B 27 3.17 -30.88 -26.07
N GLY B 28 2.25 -30.42 -26.92
CA GLY B 28 2.29 -29.04 -27.38
C GLY B 28 1.76 -28.04 -26.38
N ILE B 29 2.66 -27.19 -25.86
CA ILE B 29 2.27 -26.10 -24.98
C ILE B 29 1.89 -24.90 -25.85
N SER B 30 0.75 -24.29 -25.56
CA SER B 30 0.23 -23.22 -26.40
C SER B 30 1.18 -22.03 -26.45
N GLY B 31 1.34 -21.33 -25.32
CA GLY B 31 2.20 -20.17 -25.29
C GLY B 31 2.91 -19.93 -23.98
N TRP B 32 2.86 -20.89 -23.06
CA TRP B 32 3.33 -20.69 -21.69
C TRP B 32 4.64 -21.42 -21.48
N LEU B 33 5.75 -20.69 -21.66
CA LEU B 33 7.10 -21.18 -21.38
C LEU B 33 7.80 -20.20 -20.45
N ALA B 34 9.05 -20.50 -20.12
CA ALA B 34 9.81 -19.66 -19.21
C ALA B 34 11.30 -19.91 -19.43
N TRP B 35 12.11 -18.89 -19.19
CA TRP B 35 13.55 -18.96 -19.29
C TRP B 35 14.17 -18.40 -18.03
N TYR B 36 15.12 -19.14 -17.45
CA TYR B 36 15.72 -18.81 -16.17
C TYR B 36 17.21 -18.55 -16.32
N GLN B 37 17.83 -18.09 -15.24
CA GLN B 37 19.25 -17.76 -15.24
C GLN B 37 19.77 -17.76 -13.80
N GLN B 38 20.87 -18.48 -13.57
CA GLN B 38 21.53 -18.55 -12.26
C GLN B 38 23.03 -18.71 -12.50
N LYS B 39 23.74 -17.58 -12.49
CA LYS B 39 25.13 -17.62 -12.95
C LYS B 39 26.05 -18.36 -11.98
N PRO B 40 26.38 -17.81 -10.78
CA PRO B 40 27.42 -18.45 -9.97
C PRO B 40 26.99 -19.76 -9.33
N GLY B 41 26.05 -19.67 -8.40
CA GLY B 41 25.42 -20.83 -7.79
C GLY B 41 24.01 -20.54 -7.31
N LYS B 42 23.51 -19.35 -7.63
CA LYS B 42 22.31 -18.83 -6.99
C LYS B 42 21.06 -19.49 -7.56
N ALA B 43 19.89 -18.98 -7.17
CA ALA B 43 18.63 -19.49 -7.65
C ALA B 43 18.34 -18.98 -9.07
N PRO B 44 17.67 -19.79 -9.89
CA PRO B 44 17.39 -19.36 -11.28
C PRO B 44 16.43 -18.20 -11.35
N LYS B 45 16.94 -17.04 -11.76
CA LYS B 45 16.12 -15.84 -11.88
C LYS B 45 15.37 -15.85 -13.21
N LEU B 46 14.08 -15.55 -13.17
CA LEU B 46 13.27 -15.57 -14.38
C LEU B 46 13.64 -14.40 -15.28
N LEU B 47 13.62 -14.64 -16.59
CA LEU B 47 13.92 -13.62 -17.58
C LEU B 47 12.75 -13.33 -18.50
N ILE B 48 12.14 -14.35 -19.08
CA ILE B 48 11.02 -14.19 -19.98
C ILE B 48 9.99 -15.27 -19.69
N TYR B 49 8.82 -14.87 -19.20
CA TYR B 49 7.71 -15.78 -18.99
C TYR B 49 6.73 -15.67 -20.15
N ALA B 50 5.96 -16.74 -20.35
CA ALA B 50 5.06 -16.90 -21.49
C ALA B 50 5.82 -16.88 -22.82
N ALA B 51 7.14 -17.06 -22.77
CA ALA B 51 8.03 -17.22 -23.92
C ALA B 51 8.16 -15.96 -24.77
N SER B 52 7.42 -14.90 -24.46
CA SER B 52 7.50 -13.67 -25.24
C SER B 52 7.55 -12.44 -24.35
N THR B 53 7.08 -12.57 -23.11
CA THR B 53 6.92 -11.43 -22.22
C THR B 53 8.10 -11.36 -21.25
N LEU B 54 8.79 -10.22 -21.25
CA LEU B 54 9.91 -10.03 -20.35
C LEU B 54 9.42 -9.70 -18.94
N GLN B 55 10.34 -9.78 -17.99
CA GLN B 55 10.04 -9.50 -16.58
C GLN B 55 10.67 -8.17 -16.18
N SER B 56 10.13 -7.59 -15.11
CA SER B 56 10.62 -6.32 -14.58
C SER B 56 12.08 -6.42 -14.20
N GLY B 57 12.94 -5.67 -14.89
CA GLY B 57 14.36 -5.69 -14.65
C GLY B 57 15.16 -6.62 -15.53
N VAL B 58 14.64 -7.00 -16.68
CA VAL B 58 15.35 -7.88 -17.62
C VAL B 58 15.82 -7.03 -18.79
N PRO B 59 17.10 -7.09 -19.15
CA PRO B 59 17.59 -6.26 -20.27
C PRO B 59 16.92 -6.61 -21.60
N SER B 60 16.89 -5.65 -22.52
CA SER B 60 16.28 -5.85 -23.83
C SER B 60 17.08 -6.79 -24.73
N ARG B 61 18.28 -7.20 -24.32
CA ARG B 61 19.07 -8.10 -25.14
C ARG B 61 18.41 -9.48 -25.29
N PHE B 62 17.64 -9.88 -24.28
CA PHE B 62 16.93 -11.16 -24.34
C PHE B 62 15.61 -11.01 -25.07
N SER B 63 15.29 -12.01 -25.88
CA SER B 63 14.05 -12.00 -26.66
C SER B 63 13.66 -13.43 -26.98
N GLY B 64 12.43 -13.80 -26.64
CA GLY B 64 11.95 -15.14 -26.89
C GLY B 64 10.95 -15.21 -28.03
N SER B 65 10.84 -16.37 -28.67
CA SER B 65 9.91 -16.55 -29.77
C SER B 65 9.61 -18.04 -29.91
N GLY B 66 8.61 -18.35 -30.73
CA GLY B 66 8.22 -19.71 -30.99
C GLY B 66 6.83 -20.01 -30.42
N SER B 67 6.28 -21.13 -30.88
CA SER B 67 4.95 -21.57 -30.46
C SER B 67 4.85 -23.07 -30.69
N GLY B 68 3.85 -23.67 -30.07
CA GLY B 68 3.63 -25.10 -30.21
C GLY B 68 4.64 -25.93 -29.43
N THR B 69 5.55 -26.58 -30.14
CA THR B 69 6.58 -27.41 -29.52
C THR B 69 7.97 -26.80 -29.54
N ASP B 70 8.29 -26.01 -30.56
CA ASP B 70 9.63 -25.43 -30.70
C ASP B 70 9.62 -24.00 -30.17
N PHE B 71 10.50 -23.73 -29.21
CA PHE B 71 10.66 -22.41 -28.65
C PHE B 71 12.14 -22.04 -28.63
N THR B 72 12.42 -20.77 -28.88
CA THR B 72 13.79 -20.27 -28.98
C THR B 72 13.98 -19.05 -28.08
N LEU B 73 15.25 -18.75 -27.82
CA LEU B 73 15.64 -17.58 -27.04
C LEU B 73 16.82 -16.94 -27.74
N THR B 74 16.67 -15.67 -28.11
CA THR B 74 17.68 -14.95 -28.90
C THR B 74 18.27 -13.84 -28.06
N ILE B 75 19.54 -14.01 -27.68
CA ILE B 75 20.30 -12.98 -26.98
C ILE B 75 21.00 -12.13 -28.04
N SER B 76 20.60 -10.86 -28.16
CA SER B 76 21.17 -10.00 -29.20
C SER B 76 22.65 -9.77 -28.98
N SER B 77 23.01 -9.19 -27.84
CA SER B 77 24.40 -8.89 -27.50
C SER B 77 24.83 -9.73 -26.32
N LEU B 78 26.01 -10.34 -26.43
CA LEU B 78 26.54 -11.20 -25.37
C LEU B 78 27.40 -10.35 -24.44
N GLN B 79 26.73 -9.69 -23.50
CA GLN B 79 27.42 -8.92 -22.48
C GLN B 79 28.24 -9.85 -21.60
N PRO B 80 29.41 -9.40 -21.13
CA PRO B 80 30.20 -10.21 -20.20
C PRO B 80 29.41 -10.77 -19.02
N GLU B 81 28.37 -10.06 -18.59
CA GLU B 81 27.52 -10.52 -17.48
C GLU B 81 26.38 -11.39 -17.97
N ASP B 82 26.70 -12.42 -18.75
CA ASP B 82 25.70 -13.35 -19.27
C ASP B 82 26.07 -14.81 -19.11
N PHE B 83 27.26 -15.13 -18.61
CA PHE B 83 27.67 -16.52 -18.41
C PHE B 83 26.79 -17.19 -17.36
N ALA B 84 25.95 -18.13 -17.79
CA ALA B 84 25.04 -18.82 -16.89
C ALA B 84 24.49 -20.05 -17.61
N THR B 85 23.67 -20.80 -16.88
CA THR B 85 22.98 -21.97 -17.42
C THR B 85 21.48 -21.66 -17.51
N TYR B 86 20.98 -21.53 -18.73
CA TYR B 86 19.59 -21.17 -18.96
C TYR B 86 18.74 -22.44 -19.02
N TYR B 87 17.52 -22.35 -18.49
CA TYR B 87 16.60 -23.48 -18.42
C TYR B 87 15.29 -23.13 -19.10
N CYS B 88 14.48 -24.18 -19.32
CA CYS B 88 13.15 -24.04 -19.90
C CYS B 88 12.17 -24.78 -19.01
N GLN B 89 11.08 -24.10 -18.63
CA GLN B 89 10.09 -24.64 -17.71
C GLN B 89 8.75 -24.74 -18.41
N GLN B 90 8.24 -25.96 -18.54
CA GLN B 90 6.88 -26.15 -19.04
C GLN B 90 5.88 -25.70 -17.97
N ALA B 91 4.95 -24.84 -18.37
CA ALA B 91 4.01 -24.24 -17.45
C ALA B 91 2.59 -24.30 -18.00
N ASN B 92 2.19 -25.47 -18.51
CA ASN B 92 0.85 -25.68 -19.04
C ASN B 92 -0.03 -26.48 -18.10
N ASN B 93 0.44 -27.64 -17.65
CA ASN B 93 -0.29 -28.48 -16.72
C ASN B 93 0.30 -28.34 -15.32
N PHE B 94 -0.25 -29.13 -14.39
CA PHE B 94 0.17 -29.07 -12.99
C PHE B 94 1.61 -29.50 -12.81
N PRO B 95 2.04 -30.69 -13.29
CA PRO B 95 3.46 -31.05 -13.11
C PRO B 95 4.37 -30.25 -14.02
N ARG B 96 5.13 -29.32 -13.43
CA ARG B 96 6.00 -28.44 -14.20
C ARG B 96 7.41 -29.00 -14.18
N THR B 97 7.87 -29.48 -15.33
CA THR B 97 9.20 -30.02 -15.47
C THR B 97 10.14 -28.97 -16.06
N PHE B 98 11.43 -29.25 -16.01
CA PHE B 98 12.46 -28.35 -16.50
C PHE B 98 13.25 -29.04 -17.62
N GLY B 99 14.25 -28.35 -18.13
CA GLY B 99 15.08 -28.84 -19.22
C GLY B 99 16.29 -29.62 -18.72
N GLN B 100 17.42 -29.40 -19.38
CA GLN B 100 18.66 -30.08 -19.04
C GLN B 100 19.82 -29.13 -18.79
N GLY B 101 19.60 -27.82 -18.89
CA GLY B 101 20.66 -26.86 -18.66
C GLY B 101 21.51 -26.59 -19.89
N THR B 102 21.76 -25.31 -20.18
CA THR B 102 22.55 -24.89 -21.33
C THR B 102 23.68 -24.01 -20.82
N LYS B 103 24.87 -24.60 -20.68
CA LYS B 103 26.03 -23.87 -20.19
C LYS B 103 26.56 -22.98 -21.30
N VAL B 104 26.10 -21.74 -21.34
CA VAL B 104 26.54 -20.79 -22.36
C VAL B 104 27.93 -20.28 -21.99
N GLU B 105 28.91 -20.58 -22.82
CA GLU B 105 30.29 -20.20 -22.59
C GLU B 105 30.67 -18.99 -23.44
N ILE B 106 31.69 -18.27 -22.97
CA ILE B 106 32.22 -17.11 -23.67
C ILE B 106 33.67 -17.39 -24.05
N LYS B 107 34.01 -17.14 -25.31
CA LYS B 107 35.35 -17.40 -25.85
C LYS B 107 36.06 -16.07 -26.02
N ARG B 108 36.90 -15.72 -25.04
CA ARG B 108 37.71 -14.52 -25.10
C ARG B 108 39.05 -14.84 -25.78
N THR B 109 39.99 -13.89 -25.71
CA THR B 109 41.30 -14.10 -26.29
C THR B 109 42.17 -14.93 -25.36
N VAL B 110 43.40 -15.20 -25.80
CA VAL B 110 44.33 -15.99 -25.01
C VAL B 110 44.91 -15.12 -23.91
N ALA B 111 45.00 -15.68 -22.70
CA ALA B 111 45.52 -14.98 -21.54
C ALA B 111 46.58 -15.83 -20.86
N ALA B 112 47.32 -15.21 -19.94
CA ALA B 112 48.37 -15.87 -19.20
C ALA B 112 48.06 -15.81 -17.71
N PRO B 113 48.00 -16.94 -17.01
CA PRO B 113 47.67 -16.92 -15.58
C PRO B 113 48.89 -16.59 -14.72
N SER B 114 48.61 -16.42 -13.43
CA SER B 114 49.65 -16.21 -12.42
C SER B 114 49.70 -17.43 -11.51
N VAL B 115 50.91 -17.97 -11.31
CA VAL B 115 51.04 -19.21 -10.56
C VAL B 115 50.77 -18.96 -9.07
N PHE B 116 51.60 -18.15 -8.43
CA PHE B 116 51.45 -17.78 -7.02
C PHE B 116 51.28 -19.01 -6.13
N ILE B 117 52.31 -19.86 -6.12
CA ILE B 117 52.26 -21.06 -5.28
C ILE B 117 52.37 -20.66 -3.82
N PHE B 118 51.57 -21.31 -2.99
CA PHE B 118 51.55 -21.05 -1.56
C PHE B 118 52.47 -22.02 -0.85
N PRO B 119 53.44 -21.54 -0.07
CA PRO B 119 54.34 -22.44 0.65
C PRO B 119 53.59 -23.15 1.77
N PRO B 120 54.12 -24.27 2.26
CA PRO B 120 53.46 -24.99 3.36
C PRO B 120 53.38 -24.13 4.61
N SER B 121 52.16 -23.89 5.07
CA SER B 121 51.94 -23.07 6.25
C SER B 121 52.43 -23.79 7.50
N ASP B 122 53.01 -23.03 8.43
CA ASP B 122 53.52 -23.61 9.66
C ASP B 122 52.41 -24.08 10.59
N GLU B 123 51.20 -23.52 10.45
CA GLU B 123 50.11 -23.90 11.33
C GLU B 123 49.61 -25.31 11.01
N GLN B 124 49.48 -25.65 9.73
CA GLN B 124 49.01 -26.97 9.34
C GLN B 124 50.07 -28.05 9.50
N LEU B 125 51.34 -27.67 9.64
CA LEU B 125 52.39 -28.66 9.86
C LEU B 125 52.35 -29.26 11.25
N LYS B 126 51.77 -28.54 12.22
CA LYS B 126 51.68 -29.07 13.58
C LYS B 126 50.67 -30.21 13.65
N SER B 127 49.57 -30.11 12.90
CA SER B 127 48.57 -31.17 12.88
C SER B 127 49.10 -32.38 12.11
N GLY B 128 49.62 -32.16 10.92
CA GLY B 128 50.18 -33.24 10.10
C GLY B 128 49.52 -33.42 8.74
N THR B 129 48.53 -32.60 8.38
CA THR B 129 47.83 -32.72 7.10
C THR B 129 47.93 -31.37 6.39
N ALA B 130 48.95 -31.22 5.56
CA ALA B 130 49.15 -30.01 4.77
C ALA B 130 48.81 -30.27 3.31
N SER B 131 48.73 -29.18 2.54
CA SER B 131 48.41 -29.28 1.13
C SER B 131 48.91 -28.02 0.43
N VAL B 132 49.91 -28.19 -0.44
CA VAL B 132 50.41 -27.06 -1.24
C VAL B 132 49.46 -26.84 -2.40
N VAL B 133 49.10 -25.57 -2.63
CA VAL B 133 48.09 -25.20 -3.63
C VAL B 133 48.77 -24.48 -4.77
N CYS B 134 48.47 -24.89 -5.99
CA CYS B 134 48.94 -24.23 -7.21
C CYS B 134 47.78 -23.42 -7.78
N LEU B 135 47.93 -22.10 -7.79
CA LEU B 135 46.84 -21.20 -8.17
C LEU B 135 46.97 -20.78 -9.63
N LEU B 136 45.83 -20.44 -10.22
CA LEU B 136 45.75 -19.93 -11.59
C LEU B 136 44.67 -18.86 -11.62
N ASN B 137 45.01 -17.66 -12.08
CA ASN B 137 44.10 -16.53 -12.05
C ASN B 137 44.12 -15.83 -13.41
N ASN B 138 42.92 -15.58 -13.95
CA ASN B 138 42.72 -14.76 -15.15
C ASN B 138 43.49 -15.36 -16.35
N PHE B 139 43.03 -16.54 -16.76
CA PHE B 139 43.59 -17.22 -17.92
C PHE B 139 42.47 -17.58 -18.90
N TYR B 140 42.84 -18.32 -19.94
CA TYR B 140 41.96 -18.70 -21.05
C TYR B 140 41.02 -19.82 -20.60
N PRO B 141 40.16 -20.38 -21.49
CA PRO B 141 39.33 -21.53 -21.10
C PRO B 141 40.04 -22.61 -20.30
N ARG B 142 39.25 -23.39 -19.56
CA ARG B 142 39.74 -24.28 -18.51
C ARG B 142 40.62 -25.41 -19.03
N GLU B 143 40.88 -25.47 -20.33
CA GLU B 143 41.74 -26.51 -20.87
C GLU B 143 43.17 -26.31 -20.38
N ALA B 144 43.59 -27.11 -19.41
CA ALA B 144 44.91 -26.95 -18.80
C ALA B 144 45.28 -28.24 -18.09
N LYS B 145 46.54 -28.65 -18.22
CA LYS B 145 47.04 -29.87 -17.60
C LYS B 145 48.08 -29.48 -16.55
N VAL B 146 47.63 -29.34 -15.30
CA VAL B 146 48.50 -28.97 -14.20
C VAL B 146 49.16 -30.24 -13.66
N GLN B 147 50.47 -30.35 -13.86
CA GLN B 147 51.24 -31.50 -13.41
C GLN B 147 52.18 -31.06 -12.30
N TRP B 148 52.15 -31.79 -11.18
CA TRP B 148 53.01 -31.49 -10.05
C TRP B 148 54.41 -32.06 -10.27
N LYS B 149 55.33 -31.66 -9.40
CA LYS B 149 56.72 -32.10 -9.50
C LYS B 149 57.37 -31.94 -8.14
N VAL B 150 57.89 -33.04 -7.60
CA VAL B 150 58.55 -33.05 -6.29
C VAL B 150 59.87 -33.82 -6.42
N ASP B 151 60.98 -33.13 -6.16
CA ASP B 151 62.32 -33.72 -6.23
C ASP B 151 62.57 -34.34 -7.60
N ASN B 152 62.19 -33.60 -8.65
CA ASN B 152 62.34 -34.05 -10.04
C ASN B 152 61.63 -35.38 -10.26
N ALA B 153 60.40 -35.48 -9.78
CA ALA B 153 59.61 -36.70 -9.90
C ALA B 153 58.13 -36.33 -9.91
N LEU B 154 57.41 -36.76 -10.94
CA LEU B 154 55.98 -36.46 -11.04
C LEU B 154 55.20 -37.27 -10.00
N GLN B 155 54.03 -36.73 -9.65
CA GLN B 155 53.17 -37.40 -8.68
C GLN B 155 52.47 -38.59 -9.34
N SER B 156 51.66 -39.29 -8.56
CA SER B 156 50.92 -40.47 -9.00
C SER B 156 49.44 -40.31 -8.71
N GLY B 157 48.90 -39.13 -9.03
CA GLY B 157 47.50 -38.86 -8.81
C GLY B 157 47.13 -38.39 -7.42
N ASN B 158 48.10 -37.95 -6.63
CA ASN B 158 47.84 -37.47 -5.27
C ASN B 158 47.55 -35.97 -5.24
N SER B 159 46.58 -35.53 -6.05
CA SER B 159 46.23 -34.13 -6.13
C SER B 159 44.76 -34.01 -6.48
N GLN B 160 44.19 -32.84 -6.20
CA GLN B 160 42.78 -32.56 -6.45
C GLN B 160 42.65 -31.15 -7.00
N GLU B 161 42.05 -31.03 -8.18
CA GLU B 161 41.84 -29.73 -8.81
C GLU B 161 40.39 -29.29 -8.61
N SER B 162 40.18 -27.96 -8.71
CA SER B 162 38.86 -27.36 -8.54
C SER B 162 38.71 -26.25 -9.58
N VAL B 163 38.12 -26.59 -10.72
CA VAL B 163 37.91 -25.63 -11.79
C VAL B 163 36.70 -24.77 -11.46
N THR B 164 36.89 -23.47 -11.39
CA THR B 164 35.82 -22.54 -11.08
C THR B 164 34.98 -22.27 -12.34
N GLU B 165 34.05 -21.33 -12.24
CA GLU B 165 33.23 -20.92 -13.37
C GLU B 165 33.82 -19.66 -14.00
N GLN B 166 33.34 -19.36 -15.21
CA GLN B 166 33.85 -18.20 -15.93
C GLN B 166 33.42 -16.91 -15.23
N ASP B 167 34.34 -15.96 -15.18
CA ASP B 167 34.09 -14.70 -14.49
C ASP B 167 32.98 -13.91 -15.19
N SER B 168 32.32 -13.06 -14.41
CA SER B 168 31.22 -12.25 -14.91
C SER B 168 31.67 -10.90 -15.49
N LYS B 169 32.89 -10.48 -15.20
CA LYS B 169 33.41 -9.21 -15.68
C LYS B 169 34.52 -9.38 -16.72
N ASP B 170 35.55 -10.15 -16.40
CA ASP B 170 36.66 -10.40 -17.32
C ASP B 170 36.49 -11.67 -18.13
N SER B 171 35.49 -12.50 -17.80
CA SER B 171 35.23 -13.75 -18.52
C SER B 171 36.46 -14.66 -18.50
N THR B 172 36.98 -14.91 -17.30
CA THR B 172 38.13 -15.77 -17.09
C THR B 172 37.79 -16.85 -16.08
N TYR B 173 38.69 -17.81 -15.92
CA TYR B 173 38.52 -18.92 -15.01
C TYR B 173 39.57 -18.86 -13.90
N SER B 174 39.54 -19.87 -13.03
CA SER B 174 40.49 -19.99 -11.94
C SER B 174 40.62 -21.46 -11.57
N LEU B 175 41.81 -21.83 -11.11
CA LEU B 175 42.10 -23.22 -10.80
C LEU B 175 43.04 -23.31 -9.61
N SER B 176 42.80 -24.28 -8.74
CA SER B 176 43.65 -24.56 -7.60
C SER B 176 44.03 -26.03 -7.61
N SER B 177 45.28 -26.33 -7.23
CA SER B 177 45.81 -27.70 -7.25
C SER B 177 46.39 -28.00 -5.87
N THR B 178 45.54 -28.52 -4.98
CA THR B 178 45.99 -28.93 -3.65
C THR B 178 46.72 -30.25 -3.71
N LEU B 179 47.84 -30.33 -2.99
CA LEU B 179 48.68 -31.53 -2.95
C LEU B 179 48.57 -32.10 -1.53
N THR B 180 47.55 -32.92 -1.31
CA THR B 180 47.29 -33.46 0.02
C THR B 180 48.28 -34.55 0.36
N LEU B 181 49.03 -34.36 1.45
CA LEU B 181 49.97 -35.35 1.94
C LEU B 181 49.96 -35.33 3.46
N SER B 182 50.49 -36.41 4.05
CA SER B 182 50.54 -36.54 5.50
C SER B 182 51.79 -35.84 6.03
N LYS B 183 52.03 -35.97 7.34
CA LYS B 183 53.21 -35.34 7.93
C LYS B 183 54.49 -36.01 7.45
N ALA B 184 54.51 -37.34 7.42
CA ALA B 184 55.71 -38.05 6.97
C ALA B 184 55.96 -37.83 5.48
N ASP B 185 54.91 -37.63 4.69
CA ASP B 185 55.05 -37.39 3.26
C ASP B 185 55.43 -35.95 2.93
N TYR B 186 55.43 -35.05 3.91
CA TYR B 186 55.78 -33.65 3.69
C TYR B 186 57.04 -33.25 4.45
N GLU B 187 57.91 -34.20 4.78
CA GLU B 187 59.16 -33.90 5.46
C GLU B 187 60.39 -34.55 4.82
N LYS B 188 60.22 -35.62 4.04
CA LYS B 188 61.36 -36.25 3.38
C LYS B 188 61.78 -35.51 2.12
N HIS B 189 60.95 -34.62 1.61
CA HIS B 189 61.26 -33.85 0.41
C HIS B 189 61.34 -32.36 0.76
N LYS B 190 62.00 -31.60 -0.12
CA LYS B 190 62.16 -30.18 0.09
C LYS B 190 61.74 -29.39 -1.14
N VAL B 191 61.86 -29.98 -2.32
CA VAL B 191 61.51 -29.34 -3.57
C VAL B 191 60.02 -29.58 -3.86
N TYR B 192 59.28 -28.49 -4.04
CA TYR B 192 57.85 -28.57 -4.34
C TYR B 192 57.50 -27.52 -5.38
N ALA B 193 57.05 -27.97 -6.55
CA ALA B 193 56.71 -27.07 -7.64
C ALA B 193 55.62 -27.69 -8.49
N CYS B 194 54.85 -26.84 -9.17
CA CYS B 194 53.80 -27.28 -10.07
C CYS B 194 54.15 -26.82 -11.49
N GLU B 195 54.21 -27.77 -12.42
CA GLU B 195 54.49 -27.44 -13.82
C GLU B 195 53.21 -26.93 -14.48
N VAL B 196 53.27 -25.72 -15.02
CA VAL B 196 52.12 -25.09 -15.66
C VAL B 196 52.26 -25.26 -17.16
N THR B 197 51.34 -26.02 -17.77
CA THR B 197 51.33 -26.27 -19.21
C THR B 197 50.05 -25.68 -19.77
N HIS B 198 50.13 -24.46 -20.28
CA HIS B 198 48.98 -23.75 -20.84
C HIS B 198 49.26 -23.37 -22.29
N GLN B 199 48.20 -22.95 -22.98
CA GLN B 199 48.35 -22.53 -24.36
C GLN B 199 49.08 -21.20 -24.46
N GLY B 200 48.71 -20.24 -23.62
CA GLY B 200 49.39 -18.94 -23.65
C GLY B 200 50.82 -19.03 -23.16
N LEU B 201 51.03 -19.70 -22.03
CA LEU B 201 52.37 -19.88 -21.47
C LEU B 201 53.10 -20.95 -22.28
N SER B 202 53.89 -20.50 -23.25
CA SER B 202 54.65 -21.43 -24.09
C SER B 202 55.69 -22.17 -23.27
N SER B 203 56.59 -21.44 -22.64
CA SER B 203 57.61 -22.06 -21.80
C SER B 203 56.98 -22.54 -20.49
N PRO B 204 57.24 -23.77 -20.07
CA PRO B 204 56.65 -24.27 -18.81
C PRO B 204 57.23 -23.52 -17.62
N VAL B 205 56.35 -22.93 -16.81
CA VAL B 205 56.78 -22.17 -15.65
C VAL B 205 57.33 -23.13 -14.60
N THR B 206 58.59 -22.94 -14.23
CA THR B 206 59.27 -23.77 -13.24
C THR B 206 59.31 -23.11 -11.87
N LYS B 207 58.28 -22.35 -11.52
CA LYS B 207 58.24 -21.69 -10.23
C LYS B 207 58.18 -22.71 -9.10
N SER B 208 59.14 -22.63 -8.18
CA SER B 208 59.27 -23.58 -7.09
C SER B 208 59.25 -22.85 -5.75
N PHE B 209 58.69 -23.51 -4.74
CA PHE B 209 58.60 -23.00 -3.38
C PHE B 209 59.14 -24.06 -2.43
N ASN B 210 60.36 -23.86 -1.94
CA ASN B 210 60.96 -24.82 -1.04
C ASN B 210 60.23 -24.83 0.30
N ARG B 211 60.35 -25.94 1.03
CA ARG B 211 59.65 -26.12 2.30
C ARG B 211 60.31 -25.26 3.37
N GLY B 212 59.80 -24.05 3.55
CA GLY B 212 60.27 -23.20 4.64
C GLY B 212 61.71 -22.74 4.49
N GLU B 213 62.08 -22.28 3.30
CA GLU B 213 63.41 -21.73 3.06
C GLU B 213 63.40 -20.23 2.88
N CYS B 214 62.49 -19.71 2.05
CA CYS B 214 62.39 -18.28 1.81
C CYS B 214 61.71 -17.57 2.98
N GLN C 1 7.75 -6.26 -3.68
CA GLN C 1 9.05 -6.53 -3.10
C GLN C 1 8.96 -7.65 -2.07
N VAL C 2 8.90 -8.90 -2.56
CA VAL C 2 8.80 -10.05 -1.69
C VAL C 2 10.15 -10.76 -1.60
N GLN C 3 10.47 -11.26 -0.41
CA GLN C 3 11.70 -12.02 -0.20
C GLN C 3 11.35 -13.36 0.43
N LEU C 4 12.29 -14.30 0.35
CA LEU C 4 12.13 -15.63 0.91
C LEU C 4 13.44 -16.05 1.56
N GLN C 5 13.43 -16.16 2.88
CA GLN C 5 14.61 -16.58 3.64
C GLN C 5 14.43 -18.03 4.04
N GLU C 6 15.38 -18.88 3.65
CA GLU C 6 15.32 -20.30 3.94
C GLU C 6 16.00 -20.62 5.27
N SER C 7 15.56 -21.71 5.89
CA SER C 7 16.12 -22.14 7.17
C SER C 7 15.82 -23.61 7.37
N GLY C 8 16.84 -24.39 7.71
CA GLY C 8 16.68 -25.81 7.93
C GLY C 8 17.99 -26.48 8.26
N PRO C 9 17.99 -27.81 8.34
CA PRO C 9 19.21 -28.55 8.66
C PRO C 9 20.17 -28.58 7.48
N GLY C 10 21.37 -29.09 7.74
CA GLY C 10 22.38 -29.20 6.72
C GLY C 10 22.85 -30.62 6.50
N LEU C 11 22.72 -31.46 7.52
CA LEU C 11 23.10 -32.86 7.45
C LEU C 11 21.99 -33.70 8.05
N VAL C 12 21.37 -34.54 7.22
CA VAL C 12 20.25 -35.37 7.63
C VAL C 12 20.66 -36.83 7.45
N LYS C 13 20.50 -37.62 8.51
CA LYS C 13 20.81 -39.04 8.44
C LYS C 13 19.78 -39.76 7.57
N PRO C 14 20.18 -40.82 6.89
CA PRO C 14 19.23 -41.55 6.03
C PRO C 14 18.12 -42.20 6.84
N SER C 15 17.01 -42.47 6.15
CA SER C 15 15.79 -43.08 6.67
C SER C 15 15.06 -42.20 7.67
N GLU C 16 15.56 -41.00 7.97
CA GLU C 16 14.90 -40.08 8.89
C GLU C 16 14.01 -39.12 8.09
N THR C 17 13.54 -38.08 8.75
CA THR C 17 12.70 -37.07 8.12
C THR C 17 13.53 -35.85 7.72
N LEU C 18 12.96 -35.06 6.81
CA LEU C 18 13.62 -33.87 6.30
C LEU C 18 12.58 -32.75 6.21
N SER C 19 12.86 -31.63 6.88
CA SER C 19 11.94 -30.50 6.90
C SER C 19 12.73 -29.21 7.07
N LEU C 20 12.44 -28.22 6.23
CA LEU C 20 13.03 -26.90 6.32
C LEU C 20 11.91 -25.86 6.36
N THR C 21 12.28 -24.60 6.55
CA THR C 21 11.31 -23.52 6.71
C THR C 21 11.71 -22.33 5.85
N CYS C 22 10.74 -21.79 5.10
CA CYS C 22 10.91 -20.59 4.30
C CYS C 22 9.91 -19.54 4.80
N THR C 23 10.42 -18.50 5.44
CA THR C 23 9.57 -17.45 5.98
C THR C 23 9.26 -16.42 4.90
N VAL C 24 8.00 -16.02 4.82
CA VAL C 24 7.53 -15.04 3.85
C VAL C 24 7.66 -13.65 4.45
N SER C 25 8.38 -12.77 3.77
CA SER C 25 8.60 -11.40 4.23
C SER C 25 8.45 -10.47 3.03
N GLY C 26 7.36 -9.72 2.99
CA GLY C 26 7.10 -8.80 1.89
C GLY C 26 5.65 -8.77 1.48
N GLY C 27 4.87 -9.71 1.99
CA GLY C 27 3.45 -9.74 1.68
C GLY C 27 2.78 -10.90 2.38
N SER C 28 1.45 -10.91 2.29
CA SER C 28 0.67 -11.96 2.91
C SER C 28 0.61 -13.19 2.01
N ILE C 29 0.32 -14.35 2.62
CA ILE C 29 0.26 -15.59 1.86
C ILE C 29 -1.16 -15.77 1.33
N SER C 30 -1.47 -15.10 0.21
CA SER C 30 -2.76 -15.34 -0.44
C SER C 30 -2.68 -15.29 -1.96
N SER C 31 -1.50 -15.08 -2.55
CA SER C 31 -1.38 -14.90 -4.00
C SER C 31 -0.53 -16.01 -4.62
N TYR C 32 0.70 -16.20 -4.17
CA TYR C 32 1.62 -17.13 -4.82
C TYR C 32 1.41 -18.54 -4.30
N TYR C 33 1.91 -19.51 -5.06
CA TYR C 33 1.92 -20.91 -4.64
C TYR C 33 3.27 -21.26 -4.03
N TRP C 34 3.48 -20.74 -2.82
CA TRP C 34 4.73 -20.90 -2.10
C TRP C 34 5.06 -22.37 -1.87
N THR C 35 6.09 -22.85 -2.54
CA THR C 35 6.48 -24.25 -2.47
C THR C 35 8.00 -24.34 -2.64
N TRP C 36 8.48 -25.54 -2.92
CA TRP C 36 9.91 -25.83 -3.00
C TRP C 36 10.27 -26.42 -4.35
N ILE C 37 11.57 -26.57 -4.57
CA ILE C 37 12.10 -27.16 -5.79
C ILE C 37 13.50 -27.67 -5.49
N ARG C 38 13.78 -28.90 -5.91
CA ARG C 38 15.07 -29.54 -5.64
C ARG C 38 15.96 -29.47 -6.87
N GLN C 39 17.27 -29.53 -6.63
CA GLN C 39 18.27 -29.48 -7.70
C GLN C 39 19.46 -30.31 -7.27
N PRO C 40 19.60 -31.53 -7.77
CA PRO C 40 20.77 -32.32 -7.44
C PRO C 40 22.02 -31.69 -8.01
N PRO C 41 23.18 -31.96 -7.41
CA PRO C 41 24.42 -31.34 -7.90
C PRO C 41 24.82 -31.89 -9.27
N GLY C 42 25.03 -30.99 -10.21
CA GLY C 42 25.47 -31.37 -11.54
C GLY C 42 24.40 -32.00 -12.41
N LYS C 43 23.13 -31.69 -12.14
CA LYS C 43 22.02 -32.22 -12.93
C LYS C 43 20.97 -31.11 -13.06
N GLY C 44 19.80 -31.48 -13.57
CA GLY C 44 18.76 -30.51 -13.86
C GLY C 44 17.85 -30.25 -12.67
N LEU C 45 16.88 -29.35 -12.90
CA LEU C 45 15.93 -28.96 -11.87
C LEU C 45 14.75 -29.93 -11.84
N GLU C 46 14.36 -30.34 -10.65
CA GLU C 46 13.20 -31.20 -10.44
C GLU C 46 12.23 -30.52 -9.50
N TRP C 47 10.94 -30.60 -9.84
CA TRP C 47 9.92 -29.91 -9.07
C TRP C 47 9.50 -30.75 -7.87
N ILE C 48 8.66 -30.17 -7.02
CA ILE C 48 8.09 -30.85 -5.85
C ILE C 48 6.57 -30.80 -5.87
N GLY C 49 6.00 -29.61 -6.02
CA GLY C 49 4.56 -29.44 -6.06
C GLY C 49 4.15 -28.01 -5.80
N TYR C 50 2.90 -27.81 -5.36
CA TYR C 50 2.42 -26.47 -5.02
C TYR C 50 1.35 -26.59 -3.96
N ILE C 51 1.42 -25.71 -2.96
CA ILE C 51 0.46 -25.66 -1.87
C ILE C 51 -0.09 -24.24 -1.80
N TYR C 52 -1.41 -24.11 -1.91
CA TYR C 52 -2.08 -22.82 -1.84
C TYR C 52 -2.43 -22.50 -0.40
N TYR C 53 -3.05 -21.33 -0.20
CA TYR C 53 -3.43 -20.94 1.15
C TYR C 53 -4.64 -21.69 1.65
N THR C 54 -5.50 -22.15 0.74
CA THR C 54 -6.68 -22.93 1.12
C THR C 54 -6.41 -24.44 1.07
N GLY C 55 -5.32 -24.86 1.71
CA GLY C 55 -4.96 -26.27 1.85
C GLY C 55 -5.14 -27.14 0.62
N SER C 56 -4.40 -26.84 -0.45
CA SER C 56 -4.49 -27.60 -1.70
C SER C 56 -3.09 -28.04 -2.10
N THR C 57 -2.83 -29.34 -2.04
CA THR C 57 -1.53 -29.91 -2.35
C THR C 57 -1.62 -30.74 -3.62
N ASN C 58 -0.52 -30.76 -4.38
CA ASN C 58 -0.40 -31.57 -5.58
C ASN C 58 1.07 -31.81 -5.90
N TYR C 59 1.52 -33.04 -5.75
CA TYR C 59 2.93 -33.37 -5.90
C TYR C 59 3.17 -34.02 -7.27
N ASN C 60 4.43 -34.48 -7.49
CA ASN C 60 4.83 -35.17 -8.70
C ASN C 60 4.66 -36.68 -8.55
N PRO C 61 4.37 -37.38 -9.65
CA PRO C 61 4.19 -38.84 -9.54
C PRO C 61 5.43 -39.59 -9.09
N SER C 62 6.62 -38.99 -9.24
CA SER C 62 7.85 -39.66 -8.84
C SER C 62 7.96 -39.75 -7.33
N LEU C 63 7.96 -38.60 -6.66
CA LEU C 63 8.10 -38.52 -5.21
C LEU C 63 6.76 -38.22 -4.54
N LYS C 64 5.70 -38.83 -5.04
CA LYS C 64 4.35 -38.53 -4.54
C LYS C 64 4.21 -38.92 -3.07
N SER C 65 4.31 -40.21 -2.77
CA SER C 65 4.02 -40.70 -1.42
C SER C 65 5.29 -40.74 -0.56
N ARG C 66 6.06 -39.66 -0.59
CA ARG C 66 7.16 -39.49 0.35
C ARG C 66 7.26 -38.08 0.91
N VAL C 67 6.42 -37.15 0.48
CA VAL C 67 6.48 -35.76 0.91
C VAL C 67 5.09 -35.33 1.39
N THR C 68 5.06 -34.50 2.43
CA THR C 68 3.82 -33.94 2.97
C THR C 68 4.10 -32.46 3.27
N ILE C 69 3.75 -31.60 2.32
CA ILE C 69 3.99 -30.17 2.45
C ILE C 69 2.89 -29.56 3.32
N SER C 70 3.27 -28.63 4.20
CA SER C 70 2.33 -27.97 5.08
C SER C 70 2.55 -26.47 5.01
N VAL C 71 1.55 -25.72 5.50
CA VAL C 71 1.58 -24.26 5.50
C VAL C 71 1.06 -23.76 6.84
N ASP C 72 1.72 -22.75 7.39
CA ASP C 72 1.33 -22.12 8.66
C ASP C 72 0.86 -20.71 8.34
N THR C 73 -0.46 -20.55 8.19
CA THR C 73 -1.01 -19.25 7.81
C THR C 73 -0.91 -18.24 8.95
N SER C 74 -0.74 -18.72 10.19
CA SER C 74 -0.69 -17.82 11.33
C SER C 74 0.60 -17.00 11.32
N LYS C 75 1.74 -17.68 11.37
CA LYS C 75 3.04 -17.02 11.40
C LYS C 75 3.65 -16.85 10.02
N SER C 76 2.87 -17.06 8.96
CA SER C 76 3.30 -16.86 7.58
C SER C 76 4.54 -17.71 7.27
N GLN C 77 4.37 -19.03 7.38
CA GLN C 77 5.45 -19.97 7.10
C GLN C 77 4.88 -21.20 6.39
N PHE C 78 5.78 -21.98 5.81
CA PHE C 78 5.40 -23.22 5.14
C PHE C 78 6.63 -24.12 5.10
N SER C 79 6.41 -25.42 5.35
CA SER C 79 7.48 -26.39 5.43
C SER C 79 7.21 -27.56 4.51
N LEU C 80 8.25 -28.36 4.28
CA LEU C 80 8.17 -29.55 3.44
C LEU C 80 8.70 -30.73 4.24
N LYS C 81 7.81 -31.62 4.65
CA LYS C 81 8.19 -32.80 5.42
C LYS C 81 8.52 -33.93 4.44
N LEU C 82 9.81 -34.20 4.27
CA LEU C 82 10.30 -35.23 3.36
C LEU C 82 10.76 -36.42 4.21
N SER C 83 10.02 -37.52 4.11
CA SER C 83 10.34 -38.75 4.83
C SER C 83 11.02 -39.75 3.91
N SER C 84 11.57 -40.80 4.52
CA SER C 84 12.29 -41.86 3.80
C SER C 84 13.37 -41.28 2.91
N VAL C 85 14.21 -40.43 3.50
CA VAL C 85 15.25 -39.75 2.74
C VAL C 85 16.35 -40.75 2.40
N THR C 86 16.79 -40.74 1.14
CA THR C 86 17.84 -41.65 0.68
C THR C 86 19.03 -40.86 0.15
N ALA C 87 20.02 -41.56 -0.39
CA ALA C 87 21.21 -40.89 -0.92
C ALA C 87 20.89 -40.09 -2.18
N ALA C 88 19.86 -40.49 -2.93
CA ALA C 88 19.48 -39.77 -4.14
C ALA C 88 18.80 -38.45 -3.85
N ASP C 89 18.43 -38.17 -2.60
CA ASP C 89 17.75 -36.95 -2.24
C ASP C 89 18.71 -35.81 -1.89
N THR C 90 20.00 -35.99 -2.13
CA THR C 90 20.98 -34.93 -1.90
C THR C 90 20.81 -33.88 -2.99
N ALA C 91 20.25 -32.73 -2.62
CA ALA C 91 19.98 -31.69 -3.61
C ALA C 91 19.90 -30.35 -2.90
N VAL C 92 20.04 -29.29 -3.70
CA VAL C 92 19.95 -27.91 -3.20
C VAL C 92 18.50 -27.47 -3.38
N TYR C 93 17.77 -27.38 -2.27
CA TYR C 93 16.36 -27.03 -2.30
C TYR C 93 16.17 -25.52 -2.30
N TYR C 94 15.29 -25.05 -3.17
CA TYR C 94 14.99 -23.63 -3.29
C TYR C 94 13.52 -23.39 -3.03
N CYS C 95 13.20 -22.19 -2.55
CA CYS C 95 11.81 -21.76 -2.37
C CYS C 95 11.45 -20.72 -3.42
N ALA C 96 10.41 -21.02 -4.19
CA ALA C 96 10.01 -20.17 -5.30
C ALA C 96 8.54 -19.84 -5.20
N THR C 97 8.10 -18.87 -6.00
CA THR C 97 6.74 -18.37 -6.00
C THR C 97 6.14 -18.55 -7.39
N ASP C 98 5.23 -19.50 -7.52
CA ASP C 98 4.51 -19.72 -8.77
C ASP C 98 3.07 -19.24 -8.63
N TYR C 99 2.47 -18.90 -9.77
CA TYR C 99 1.08 -18.45 -9.79
C TYR C 99 0.54 -18.57 -11.21
N TYR C 100 -0.64 -19.17 -11.34
CA TYR C 100 -1.38 -19.21 -12.59
C TYR C 100 -2.71 -18.49 -12.38
N ASP C 101 -2.99 -17.50 -13.21
CA ASP C 101 -4.17 -16.67 -13.03
C ASP C 101 -5.42 -17.40 -13.52
N SER C 102 -6.57 -16.97 -12.99
CA SER C 102 -7.83 -17.64 -13.29
C SER C 102 -8.20 -17.53 -14.77
N SER C 103 -7.82 -16.41 -15.40
CA SER C 103 -8.15 -16.22 -16.81
C SER C 103 -7.41 -17.23 -17.70
N GLY C 104 -6.21 -17.62 -17.29
CA GLY C 104 -5.46 -18.62 -18.04
C GLY C 104 -3.98 -18.36 -18.14
N TYR C 105 -3.51 -17.24 -17.59
CA TYR C 105 -2.10 -16.92 -17.66
C TYR C 105 -1.31 -17.86 -16.74
N SER C 106 -0.01 -17.98 -17.03
CA SER C 106 0.85 -18.97 -16.38
C SER C 106 2.18 -18.33 -15.96
N TYR C 107 2.08 -17.22 -15.23
CA TYR C 107 3.26 -16.53 -14.71
C TYR C 107 4.23 -17.51 -14.06
N GLY C 108 5.50 -17.41 -14.41
CA GLY C 108 6.52 -18.31 -13.91
C GLY C 108 6.95 -17.98 -12.50
N MET C 109 8.13 -18.46 -12.14
CA MET C 109 8.68 -18.26 -10.80
C MET C 109 9.20 -16.84 -10.69
N ASP C 110 8.46 -15.99 -9.98
CA ASP C 110 8.85 -14.59 -9.82
C ASP C 110 9.90 -14.41 -8.73
N VAL C 111 9.54 -14.78 -7.50
CA VAL C 111 10.43 -14.59 -6.36
C VAL C 111 11.08 -15.93 -6.02
N TRP C 112 12.38 -15.89 -5.73
CA TRP C 112 13.15 -17.07 -5.36
C TRP C 112 13.75 -16.87 -3.98
N GLY C 113 14.40 -17.91 -3.48
CA GLY C 113 15.08 -17.91 -2.19
C GLY C 113 16.58 -17.76 -2.34
N HIS C 114 17.32 -18.55 -1.56
CA HIS C 114 18.78 -18.53 -1.62
C HIS C 114 19.41 -19.92 -1.73
N GLY C 115 18.72 -20.98 -1.32
CA GLY C 115 19.26 -22.31 -1.44
C GLY C 115 19.82 -22.86 -0.14
N THR C 116 19.42 -24.08 0.21
CA THR C 116 19.90 -24.75 1.42
C THR C 116 20.24 -26.19 1.05
N THR C 117 21.53 -26.51 1.01
CA THR C 117 21.97 -27.84 0.65
C THR C 117 21.61 -28.83 1.76
N VAL C 118 21.08 -29.99 1.35
CA VAL C 118 20.69 -31.04 2.27
C VAL C 118 21.49 -32.29 1.90
N THR C 119 22.55 -32.57 2.65
CA THR C 119 23.37 -33.74 2.41
C THR C 119 22.89 -34.91 3.27
N VAL C 120 22.81 -36.08 2.66
CA VAL C 120 22.35 -37.30 3.32
C VAL C 120 23.57 -38.16 3.61
N SER C 121 23.94 -38.24 4.88
CA SER C 121 25.11 -39.01 5.30
C SER C 121 25.00 -39.29 6.79
N SER C 122 26.06 -39.89 7.34
CA SER C 122 26.11 -40.22 8.77
C SER C 122 27.49 -39.94 9.35
N ALA C 123 28.18 -38.93 8.84
CA ALA C 123 29.52 -38.60 9.29
C ALA C 123 29.47 -37.52 10.37
N SER C 124 30.64 -37.00 10.73
CA SER C 124 30.75 -36.00 11.79
C SER C 124 30.49 -34.61 11.21
N THR C 125 30.69 -33.58 12.03
CA THR C 125 30.44 -32.18 11.67
C THR C 125 31.67 -31.34 11.97
N LYS C 126 32.84 -31.79 11.52
CA LYS C 126 34.10 -31.11 11.79
C LYS C 126 34.14 -29.73 11.13
N GLY C 127 34.04 -28.68 11.92
CA GLY C 127 34.07 -27.32 11.42
C GLY C 127 35.40 -26.62 11.58
N PRO C 128 36.01 -26.68 12.78
CA PRO C 128 37.29 -25.98 12.99
C PRO C 128 38.47 -26.62 12.27
N SER C 129 39.68 -26.14 12.60
CA SER C 129 40.93 -26.56 11.96
C SER C 129 41.02 -26.06 10.53
N VAL C 130 40.72 -24.78 10.34
CA VAL C 130 40.91 -24.10 9.06
C VAL C 130 42.28 -23.43 9.07
N PHE C 131 43.02 -23.59 7.97
CA PHE C 131 44.39 -23.10 7.91
C PHE C 131 44.51 -22.02 6.84
N PRO C 132 45.36 -21.01 7.08
CA PRO C 132 45.54 -19.93 6.10
C PRO C 132 46.65 -20.26 5.09
N LEU C 133 46.85 -19.32 4.16
CA LEU C 133 47.89 -19.41 3.15
C LEU C 133 48.70 -18.12 3.19
N ALA C 134 49.81 -18.15 3.91
CA ALA C 134 50.63 -16.96 4.07
C ALA C 134 51.41 -16.69 2.79
N PRO C 135 51.58 -15.42 2.40
CA PRO C 135 52.37 -15.10 1.20
C PRO C 135 53.87 -15.17 1.47
N SER C 136 54.67 -14.80 0.47
CA SER C 136 56.12 -14.81 0.60
C SER C 136 56.68 -13.69 -0.26
N SER C 137 58.00 -13.69 -0.44
CA SER C 137 58.66 -12.66 -1.24
C SER C 137 58.73 -13.01 -2.72
N LYS C 138 58.90 -14.29 -3.05
CA LYS C 138 58.98 -14.72 -4.44
C LYS C 138 57.61 -14.92 -5.08
N SER C 139 56.54 -14.85 -4.30
CA SER C 139 55.18 -15.00 -4.81
C SER C 139 54.58 -13.67 -5.25
N THR C 140 55.40 -12.67 -5.54
CA THR C 140 54.93 -11.35 -5.96
C THR C 140 55.26 -11.07 -7.42
N SER C 141 55.21 -12.09 -8.27
CA SER C 141 55.50 -11.93 -9.69
C SER C 141 54.35 -11.19 -10.36
N GLY C 142 54.59 -9.93 -10.73
CA GLY C 142 53.60 -9.09 -11.37
C GLY C 142 53.20 -7.88 -10.55
N GLY C 143 53.47 -7.89 -9.24
CA GLY C 143 53.15 -6.78 -8.37
C GLY C 143 52.07 -7.06 -7.35
N THR C 144 51.33 -8.17 -7.49
CA THR C 144 50.27 -8.51 -6.57
C THR C 144 50.75 -9.60 -5.61
N ALA C 145 49.83 -10.07 -4.77
CA ALA C 145 50.14 -11.10 -3.79
C ALA C 145 48.87 -11.90 -3.50
N ALA C 146 48.96 -13.22 -3.61
CA ALA C 146 47.81 -14.08 -3.37
C ALA C 146 47.68 -14.40 -1.89
N LEU C 147 46.46 -14.32 -1.37
CA LEU C 147 46.18 -14.58 0.04
C LEU C 147 45.03 -15.59 0.11
N GLY C 148 45.34 -16.82 0.53
CA GLY C 148 44.34 -17.86 0.58
C GLY C 148 43.99 -18.32 1.98
N CYS C 149 42.85 -19.00 2.10
CA CYS C 149 42.39 -19.54 3.39
C CYS C 149 41.95 -20.98 3.14
N LEU C 150 42.86 -21.93 3.37
CA LEU C 150 42.58 -23.34 3.11
C LEU C 150 41.61 -23.87 4.16
N VAL C 151 40.34 -23.97 3.79
CA VAL C 151 39.34 -24.60 4.67
C VAL C 151 39.54 -26.11 4.57
N LYS C 152 40.27 -26.68 5.51
CA LYS C 152 40.68 -28.08 5.46
C LYS C 152 39.87 -28.90 6.45
N ASP C 153 39.51 -30.12 6.03
CA ASP C 153 38.84 -31.09 6.89
C ASP C 153 37.53 -30.54 7.44
N TYR C 154 36.61 -30.24 6.53
CA TYR C 154 35.26 -29.78 6.89
C TYR C 154 34.25 -30.60 6.08
N PHE C 155 33.33 -31.24 6.79
CA PHE C 155 32.34 -32.09 6.14
C PHE C 155 31.15 -31.30 5.58
N PRO C 156 30.56 -30.35 6.32
CA PRO C 156 29.41 -29.62 5.77
C PRO C 156 29.76 -28.89 4.48
N GLU C 157 28.88 -29.05 3.49
CA GLU C 157 29.09 -28.48 2.16
C GLU C 157 28.91 -26.96 2.13
N PRO C 158 27.80 -26.40 2.62
CA PRO C 158 27.57 -24.96 2.44
C PRO C 158 28.56 -24.12 3.25
N VAL C 159 29.23 -23.20 2.57
CA VAL C 159 30.18 -22.29 3.20
C VAL C 159 29.96 -20.90 2.63
N THR C 160 30.20 -19.89 3.46
CA THR C 160 30.06 -18.48 3.08
C THR C 160 31.35 -17.73 3.39
N VAL C 161 32.47 -18.30 2.94
CA VAL C 161 33.78 -17.71 3.23
C VAL C 161 33.85 -16.31 2.64
N SER C 162 34.04 -15.32 3.49
CA SER C 162 34.17 -13.92 3.10
C SER C 162 35.59 -13.44 3.42
N TRP C 163 35.81 -12.14 3.21
CA TRP C 163 37.10 -11.54 3.46
C TRP C 163 36.91 -10.16 4.07
N ASN C 164 37.53 -9.93 5.23
CA ASN C 164 37.46 -8.65 5.94
C ASN C 164 36.02 -8.25 6.23
N SER C 165 35.21 -9.23 6.65
CA SER C 165 33.79 -9.01 6.98
C SER C 165 33.05 -8.39 5.80
N GLY C 166 33.29 -8.94 4.61
CA GLY C 166 32.61 -8.45 3.42
C GLY C 166 33.11 -7.13 2.88
N ALA C 167 34.36 -6.77 3.16
CA ALA C 167 34.93 -5.52 2.65
C ALA C 167 35.58 -5.73 1.29
N LEU C 168 36.54 -6.64 1.21
CA LEU C 168 37.21 -6.91 -0.07
C LEU C 168 36.27 -7.64 -1.01
N THR C 169 36.17 -7.13 -2.25
CA THR C 169 35.32 -7.73 -3.27
C THR C 169 36.06 -8.12 -4.53
N SER C 170 37.09 -7.37 -4.92
CA SER C 170 37.84 -7.69 -6.12
C SER C 170 38.91 -8.73 -5.82
N GLY C 171 38.99 -9.75 -6.67
CA GLY C 171 39.97 -10.80 -6.52
C GLY C 171 39.51 -11.99 -5.70
N VAL C 172 38.39 -11.86 -4.97
CA VAL C 172 37.91 -12.96 -4.15
C VAL C 172 37.45 -14.10 -5.05
N HIS C 173 38.05 -15.26 -4.88
CA HIS C 173 37.73 -16.44 -5.67
C HIS C 173 37.27 -17.56 -4.76
N THR C 174 36.13 -18.16 -5.08
CA THR C 174 35.56 -19.27 -4.32
C THR C 174 35.55 -20.51 -5.20
N PHE C 175 36.45 -21.45 -4.92
CA PHE C 175 36.56 -22.66 -5.70
C PHE C 175 35.41 -23.61 -5.37
N PRO C 176 35.08 -24.52 -6.28
CA PRO C 176 34.04 -25.52 -5.99
C PRO C 176 34.57 -26.61 -5.08
N ALA C 177 33.70 -27.06 -4.17
CA ALA C 177 34.10 -28.04 -3.17
C ALA C 177 34.49 -29.36 -3.83
N VAL C 178 35.53 -29.99 -3.30
CA VAL C 178 36.05 -31.25 -3.82
C VAL C 178 36.17 -32.24 -2.66
N LEU C 179 35.61 -33.43 -2.86
CA LEU C 179 35.69 -34.47 -1.84
C LEU C 179 37.08 -35.10 -1.81
N GLN C 180 37.58 -35.35 -0.61
CA GLN C 180 38.85 -36.04 -0.43
C GLN C 180 38.60 -37.55 -0.29
N SER C 181 39.65 -38.29 0.07
CA SER C 181 39.50 -39.73 0.24
C SER C 181 38.76 -40.07 1.54
N SER C 182 39.00 -39.29 2.60
CA SER C 182 38.36 -39.55 3.88
C SER C 182 36.91 -39.09 3.92
N GLY C 183 36.45 -38.32 2.94
CA GLY C 183 35.09 -37.82 2.91
C GLY C 183 34.94 -36.36 3.30
N LEU C 184 36.02 -35.70 3.70
CA LEU C 184 35.97 -34.31 4.10
C LEU C 184 36.34 -33.41 2.93
N TYR C 185 35.61 -32.29 2.80
CA TYR C 185 35.85 -31.36 1.71
C TYR C 185 37.08 -30.49 2.00
N SER C 186 37.50 -29.75 0.98
CA SER C 186 38.64 -28.85 1.09
C SER C 186 38.48 -27.73 0.09
N LEU C 187 38.68 -26.49 0.54
CA LEU C 187 38.52 -25.33 -0.32
C LEU C 187 39.52 -24.26 0.09
N SER C 188 39.51 -23.16 -0.66
CA SER C 188 40.39 -22.02 -0.40
C SER C 188 39.73 -20.76 -0.95
N SER C 189 40.12 -19.62 -0.39
CA SER C 189 39.62 -18.32 -0.81
C SER C 189 40.82 -17.42 -1.08
N VAL C 190 41.25 -17.37 -2.34
CA VAL C 190 42.42 -16.61 -2.75
C VAL C 190 41.95 -15.25 -3.27
N VAL C 191 42.57 -14.19 -2.78
CA VAL C 191 42.24 -12.82 -3.16
C VAL C 191 43.50 -12.15 -3.71
N THR C 192 43.35 -11.41 -4.80
CA THR C 192 44.46 -10.70 -5.41
C THR C 192 44.68 -9.38 -4.67
N VAL C 193 45.80 -9.27 -3.97
CA VAL C 193 46.12 -8.08 -3.18
C VAL C 193 47.47 -7.53 -3.64
N PRO C 194 47.58 -6.23 -3.89
CA PRO C 194 48.87 -5.67 -4.32
C PRO C 194 49.90 -5.76 -3.21
N SER C 195 51.17 -5.80 -3.61
CA SER C 195 52.27 -5.92 -2.65
C SER C 195 52.49 -4.65 -1.85
N SER C 196 51.92 -3.52 -2.29
CA SER C 196 52.12 -2.27 -1.57
C SER C 196 51.34 -2.21 -0.27
N SER C 197 50.35 -3.07 -0.08
CA SER C 197 49.51 -3.07 1.11
C SER C 197 49.62 -4.36 1.91
N LEU C 198 50.80 -4.98 1.92
CA LEU C 198 50.97 -6.24 2.66
C LEU C 198 51.05 -6.02 4.17
N GLY C 199 51.43 -4.82 4.61
CA GLY C 199 51.57 -4.53 6.03
C GLY C 199 50.75 -3.37 6.55
N THR C 200 49.73 -2.92 5.84
CA THR C 200 48.91 -1.79 6.27
C THR C 200 47.49 -2.21 6.61
N GLN C 201 46.80 -2.88 5.68
CA GLN C 201 45.42 -3.28 5.91
C GLN C 201 45.36 -4.66 6.56
N THR C 202 44.18 -5.00 7.08
CA THR C 202 43.95 -6.28 7.72
C THR C 202 43.53 -7.33 6.70
N TYR C 203 43.83 -8.58 7.01
CA TYR C 203 43.57 -9.72 6.13
C TYR C 203 42.74 -10.77 6.86
N ILE C 204 41.67 -10.33 7.53
CA ILE C 204 40.80 -11.24 8.24
C ILE C 204 40.01 -12.07 7.24
N CYS C 205 40.04 -13.39 7.41
CA CYS C 205 39.34 -14.32 6.52
C CYS C 205 38.28 -15.05 7.34
N ASN C 206 37.02 -14.71 7.10
CA ASN C 206 35.91 -15.28 7.85
C ASN C 206 35.44 -16.58 7.20
N VAL C 207 35.04 -17.53 8.04
CA VAL C 207 34.48 -18.81 7.59
C VAL C 207 33.28 -19.13 8.46
N ASN C 208 32.12 -19.29 7.84
CA ASN C 208 30.87 -19.54 8.56
C ASN C 208 30.31 -20.90 8.16
N HIS C 209 29.85 -21.66 9.15
CA HIS C 209 29.24 -22.96 8.94
C HIS C 209 27.94 -23.02 9.72
N LYS C 210 26.82 -23.17 9.02
CA LYS C 210 25.52 -23.20 9.68
C LYS C 210 25.34 -24.41 10.60
N PRO C 211 25.60 -25.65 10.16
CA PRO C 211 25.43 -26.77 11.10
C PRO C 211 26.51 -26.83 12.17
N SER C 212 27.73 -26.39 11.87
CA SER C 212 28.80 -26.45 12.86
C SER C 212 28.75 -25.29 13.84
N ASN C 213 28.17 -24.17 13.43
CA ASN C 213 28.05 -22.98 14.29
C ASN C 213 29.42 -22.49 14.78
N THR C 214 30.42 -22.57 13.91
CA THR C 214 31.77 -22.12 14.21
C THR C 214 32.12 -21.03 13.20
N LYS C 215 31.77 -19.78 13.54
CA LYS C 215 32.06 -18.63 12.69
C LYS C 215 33.39 -18.00 13.08
N VAL C 216 34.43 -18.82 13.05
CA VAL C 216 35.75 -18.35 13.45
C VAL C 216 36.37 -17.49 12.35
N ASP C 217 37.32 -16.66 12.74
CA ASP C 217 38.06 -15.79 11.83
C ASP C 217 39.55 -16.05 12.00
N LYS C 218 40.33 -15.53 11.05
CA LYS C 218 41.77 -15.69 11.10
C LYS C 218 42.42 -14.64 10.22
N LYS C 219 43.57 -14.12 10.67
CA LYS C 219 44.31 -13.09 9.95
C LYS C 219 45.45 -13.72 9.16
N VAL C 220 45.74 -13.14 8.00
CA VAL C 220 46.80 -13.63 7.13
C VAL C 220 47.96 -12.65 7.17
N GLU C 221 49.14 -13.15 7.51
CA GLU C 221 50.36 -12.35 7.58
C GLU C 221 51.48 -13.04 6.81
N PRO C 222 52.34 -12.27 6.16
CA PRO C 222 53.46 -12.89 5.43
C PRO C 222 54.52 -13.44 6.38
N LYS C 223 55.21 -14.47 5.92
CA LYS C 223 56.26 -15.09 6.72
C LYS C 223 57.47 -14.15 6.82
N SER C 224 57.93 -13.95 8.05
CA SER C 224 59.08 -13.08 8.30
C SER C 224 60.35 -13.78 7.85
N CYS C 225 60.86 -13.41 6.67
CA CYS C 225 62.05 -14.04 6.13
C CYS C 225 63.32 -13.60 6.87
N ASP C 226 63.28 -12.45 7.54
CA ASP C 226 64.43 -11.93 8.28
C ASP C 226 64.27 -12.31 9.75
N LYS C 227 64.95 -13.37 10.16
CA LYS C 227 64.89 -13.85 11.53
C LYS C 227 65.88 -13.14 12.45
N THR C 228 66.55 -12.09 11.96
CA THR C 228 67.51 -11.34 12.76
C THR C 228 67.20 -9.86 12.86
N HIS C 229 66.40 -9.31 11.96
CA HIS C 229 66.05 -7.90 12.00
C HIS C 229 64.56 -7.68 11.72
#